data_9I94
#
_entry.id   9I94
#
_cell.length_a   1.00
_cell.length_b   1.00
_cell.length_c   1.00
_cell.angle_alpha   90.00
_cell.angle_beta   90.00
_cell.angle_gamma   90.00
#
_symmetry.space_group_name_H-M   'P 1'
#
loop_
_entity.id
_entity.type
_entity.pdbx_description
1 polymer 'LPS-assembly protein LptD'
2 polymer 'Compound 3 - Bicyclic Binding Peptide'
3 polymer 'LPS-assembly lipoprotein LptE'
4 non-polymer DODECYL-BETA-D-MALTOSIDE
5 non-polymer 2,4,6-tris(chloromethyl)-1,3,5-triazine
#
loop_
_entity_poly.entity_id
_entity_poly.type
_entity_poly.pdbx_seq_one_letter_code
_entity_poly.pdbx_strand_id
1 'polypeptide(L)'
;ADLASQCMLGVPSYDRPLVQGDTNDLPVTINADHAKGDYPDDAVFTGSVDIMQGNSRLQADEVQLHQKEAPGQPEPVRTV
DALGNVHYDDNQVILKGPKGWANLNTKDTNVWEGDYQMVGRQGRGKADLMKQRGENRYTILDNGSFTSCLPGSDTWSVVG
SEIIHDREEQVAEIWNARFKVGPVPIFYSPYLQLPVGDKRRSGFLIPNAKYTTTNYFEFYLPYYWNIAPNMDATITPHYM
HRRGNIMWENEFRYLSQAGAGLMELDYLPSDKVYEDEHPNDDSSRRWLFYWNHSGVMDQVWRFNVDYTKVSDPSYFNDFD
NKYGSSTDGYATQKFSVGYAVQNFNATVSTKQFQVFSEQNTSSYSAEPQLDVNYYQNDVGPFDTRIYGQAVHFVNTRDDM
PEATRVHLEPTINLPLSNNWGSINTEAKFLATHYQQTNLDWYNSRNTTKLDESVNRVMPQFKVDGKMVFERDMEMLAPGY
TQTLEPRAQYLYVPYRDQSDIYNYDSSLLQSDYSGLFRDRTYGGLDRIASANQVTTGVTSRIYDDAAVERFNISVGQIYY
FTESRTGDDNITWENDDKTGSLVWAGDTYWRISERWGLRGGIQYDTRLDNVATSNSSIEYRRDEDRLVQLNYHYASPEYI
QATLPKYYSTAEQYKNGISQVGAVASRPIADRWSIVGAYYYDTNANKQADSMLGVQYSSCCYAIRVGYERKLNGWDNDKQ
HAVYDNAIGFNIELRGLSSNYGLGTQEMLRSNILPYQNTL
;
A
2 'polypeptide(L)' ACKKGCDWLFLWHDDCA(NH2) C
3 'polypeptide(L)'
;CGWHLRDTTQVPSTMKVMILDSGDPNGPLSRAVRNQLRLNGVELLDKETTRKDVPSLRLGKVSIAKDTASVFRNGQTAEY
QMIMTVNATVLIPGRDIYPISAKVFRSFFDNPQMALAKDNEQDMIVKEMYDRAAEQLIRKLPSIRAADIRSDEEQTSTTT
DTPATPARVSTMLGNHHHHHH
;
B
#
loop_
_chem_comp.id
_chem_comp.type
_chem_comp.name
_chem_comp.formula
KZ0 non-polymer 2,4,6-tris(chloromethyl)-1,3,5-triazine 'C6 H6 Cl3 N3'
LMT D-saccharide DODECYL-BETA-D-MALTOSIDE 'C24 H46 O11'
NH2 non-polymer 'AMINO GROUP' 'H2 N'
#
# COMPACT_ATOMS: atom_id res chain seq x y z
N ARG A 201 -26.46 -20.85 -23.17
CA ARG A 201 -25.68 -20.56 -21.97
C ARG A 201 -25.87 -19.13 -21.53
N SER A 202 -26.81 -18.44 -22.17
CA SER A 202 -27.16 -17.06 -21.85
C SER A 202 -28.59 -17.00 -21.35
N GLY A 203 -28.80 -16.41 -20.18
CA GLY A 203 -30.13 -16.32 -19.62
C GLY A 203 -30.10 -15.58 -18.30
N PHE A 204 -31.29 -15.43 -17.72
CA PHE A 204 -31.44 -14.71 -16.47
C PHE A 204 -30.79 -15.47 -15.32
N LEU A 205 -30.18 -14.73 -14.41
CA LEU A 205 -29.71 -15.30 -13.15
C LEU A 205 -30.85 -15.30 -12.13
N ILE A 206 -30.61 -15.99 -11.02
CA ILE A 206 -31.59 -15.98 -9.92
C ILE A 206 -31.61 -14.59 -9.31
N PRO A 207 -32.77 -14.01 -9.03
CA PRO A 207 -32.80 -12.64 -8.50
C PRO A 207 -32.19 -12.51 -7.10
N ASN A 208 -31.63 -11.33 -6.85
CA ASN A 208 -31.01 -10.98 -5.59
C ASN A 208 -31.88 -9.93 -4.90
N ALA A 209 -32.01 -10.02 -3.58
CA ALA A 209 -32.89 -9.11 -2.87
C ALA A 209 -32.18 -8.51 -1.66
N LYS A 210 -32.60 -7.30 -1.30
CA LYS A 210 -31.94 -6.56 -0.22
C LYS A 210 -32.89 -5.51 0.33
N TYR A 211 -32.75 -5.20 1.61
CA TYR A 211 -33.47 -4.12 2.28
C TYR A 211 -32.45 -3.26 3.01
N THR A 212 -32.45 -1.97 2.73
CA THR A 212 -31.49 -1.04 3.28
C THR A 212 -32.22 0.22 3.76
N THR A 213 -31.74 0.77 4.88
CA THR A 213 -32.32 2.02 5.38
C THR A 213 -32.14 3.18 4.41
N THR A 214 -31.08 3.16 3.60
CA THR A 214 -30.89 4.21 2.60
C THR A 214 -31.79 4.04 1.40
N ASN A 215 -32.14 2.79 1.07
CA ASN A 215 -32.85 2.48 -0.17
C ASN A 215 -34.22 1.86 0.06
N TYR A 216 -34.56 1.50 1.30
CA TYR A 216 -35.78 0.74 1.63
C TYR A 216 -35.64 -0.61 0.92
N PHE A 217 -36.59 -1.01 0.07
CA PHE A 217 -36.55 -2.33 -0.53
C PHE A 217 -35.91 -2.25 -1.90
N GLU A 218 -34.91 -3.11 -2.13
CA GLU A 218 -34.18 -3.17 -3.38
C GLU A 218 -34.43 -4.50 -4.06
N PHE A 219 -34.34 -4.49 -5.39
CA PHE A 219 -34.52 -5.73 -6.15
C PHE A 219 -33.56 -5.75 -7.33
N TYR A 220 -32.90 -6.89 -7.54
CA TYR A 220 -31.99 -7.07 -8.65
C TYR A 220 -32.57 -8.07 -9.63
N LEU A 221 -32.42 -7.80 -10.93
CA LEU A 221 -32.85 -8.72 -11.98
C LEU A 221 -31.73 -8.90 -12.98
N PRO A 222 -30.70 -9.66 -12.63
CA PRO A 222 -29.54 -9.80 -13.52
C PRO A 222 -29.82 -10.72 -14.70
N TYR A 223 -29.15 -10.44 -15.81
CA TYR A 223 -29.21 -11.27 -17.00
C TYR A 223 -27.77 -11.44 -17.49
N TYR A 224 -27.35 -12.68 -17.67
CA TYR A 224 -26.04 -13.02 -18.17
C TYR A 224 -26.05 -13.13 -19.68
N TRP A 225 -24.91 -12.85 -20.30
CA TRP A 225 -24.79 -12.92 -21.75
C TRP A 225 -23.38 -13.44 -22.04
N ASN A 226 -23.30 -14.60 -22.69
CA ASN A 226 -22.01 -15.17 -23.10
C ASN A 226 -21.75 -14.72 -24.53
N ILE A 227 -21.13 -13.55 -24.68
CA ILE A 227 -20.87 -12.99 -26.00
C ILE A 227 -19.86 -13.83 -26.75
N ALA A 228 -18.80 -14.26 -26.07
CA ALA A 228 -17.71 -15.00 -26.70
C ALA A 228 -16.97 -15.77 -25.62
N PRO A 229 -16.03 -16.64 -25.99
CA PRO A 229 -15.21 -17.29 -24.96
C PRO A 229 -14.40 -16.33 -24.12
N ASN A 230 -13.98 -15.19 -24.68
CA ASN A 230 -13.16 -14.23 -23.96
C ASN A 230 -13.94 -13.00 -23.48
N MET A 231 -15.24 -12.92 -23.77
CA MET A 231 -16.03 -11.78 -23.35
C MET A 231 -17.38 -12.25 -22.81
N ASP A 232 -17.85 -11.59 -21.76
CA ASP A 232 -19.19 -11.82 -21.27
C ASP A 232 -19.74 -10.53 -20.66
N ALA A 233 -21.06 -10.47 -20.54
CA ALA A 233 -21.73 -9.26 -20.10
C ALA A 233 -22.86 -9.62 -19.14
N THR A 234 -23.28 -8.63 -18.37
CA THR A 234 -24.37 -8.77 -17.42
C THR A 234 -25.16 -7.47 -17.38
N ILE A 235 -26.47 -7.58 -17.58
CA ILE A 235 -27.37 -6.43 -17.52
C ILE A 235 -28.27 -6.62 -16.30
N THR A 236 -28.20 -5.69 -15.37
CA THR A 236 -28.92 -5.81 -14.10
C THR A 236 -29.86 -4.62 -13.90
N PRO A 237 -31.16 -4.78 -14.11
CA PRO A 237 -32.12 -3.84 -13.52
C PRO A 237 -31.97 -3.86 -12.01
N HIS A 238 -31.89 -2.68 -11.40
CA HIS A 238 -31.75 -2.53 -9.97
C HIS A 238 -32.88 -1.59 -9.54
N TYR A 239 -33.99 -2.16 -9.11
CA TYR A 239 -35.14 -1.35 -8.72
C TYR A 239 -34.99 -0.91 -7.27
N MET A 240 -35.10 0.40 -7.05
CA MET A 240 -35.01 1.00 -5.73
C MET A 240 -36.33 1.68 -5.41
N HIS A 241 -36.84 1.43 -4.22
CA HIS A 241 -38.18 1.90 -3.85
C HIS A 241 -38.18 3.31 -3.29
N ARG A 242 -37.20 3.66 -2.45
CA ARG A 242 -37.11 5.01 -1.93
C ARG A 242 -36.87 6.01 -3.04
N ARG A 243 -35.97 5.68 -3.96
CA ARG A 243 -35.79 6.45 -5.18
C ARG A 243 -36.83 6.13 -6.24
N GLY A 244 -37.53 5.00 -6.09
CA GLY A 244 -38.65 4.64 -6.94
C GLY A 244 -38.35 4.56 -8.42
N ASN A 245 -37.23 3.92 -8.78
CA ASN A 245 -36.83 3.90 -10.18
C ASN A 245 -35.96 2.66 -10.39
N ILE A 246 -35.44 2.50 -11.59
CA ILE A 246 -34.62 1.35 -11.97
C ILE A 246 -33.27 1.88 -12.44
N MET A 247 -32.21 1.57 -11.70
CA MET A 247 -30.85 1.85 -12.12
C MET A 247 -30.36 0.69 -12.98
N TRP A 248 -29.90 1.00 -14.18
CA TRP A 248 -29.39 -0.02 -15.09
C TRP A 248 -27.90 -0.19 -14.84
N GLU A 249 -27.49 -1.43 -14.54
CA GLU A 249 -26.09 -1.77 -14.29
C GLU A 249 -25.60 -2.64 -15.43
N ASN A 250 -24.57 -2.18 -16.13
CA ASN A 250 -23.98 -2.92 -17.24
C ASN A 250 -22.57 -3.33 -16.85
N GLU A 251 -22.31 -4.63 -16.85
CA GLU A 251 -21.05 -5.20 -16.44
C GLU A 251 -20.46 -5.98 -17.61
N PHE A 252 -19.17 -5.83 -17.85
CA PHE A 252 -18.54 -6.41 -19.03
C PHE A 252 -17.15 -6.90 -18.67
N ARG A 253 -16.90 -8.20 -18.83
CA ARG A 253 -15.59 -8.77 -18.60
C ARG A 253 -15.02 -9.25 -19.93
N TYR A 254 -13.74 -8.97 -20.15
CA TYR A 254 -13.07 -9.37 -21.37
C TYR A 254 -11.63 -9.78 -21.10
N LEU A 255 -11.17 -10.75 -21.87
CA LEU A 255 -9.80 -11.26 -21.82
C LEU A 255 -9.22 -11.15 -23.23
N SER A 256 -8.12 -10.42 -23.37
CA SER A 256 -7.52 -10.17 -24.67
C SER A 256 -6.02 -10.38 -24.57
N GLN A 257 -5.34 -10.20 -25.71
CA GLN A 257 -3.89 -10.28 -25.70
C GLN A 257 -3.27 -9.14 -24.90
N ALA A 258 -3.94 -7.98 -24.87
CA ALA A 258 -3.45 -6.86 -24.07
C ALA A 258 -3.51 -7.15 -22.58
N GLY A 259 -4.53 -7.86 -22.13
CA GLY A 259 -4.66 -8.20 -20.73
C GLY A 259 -6.11 -8.50 -20.40
N ALA A 260 -6.41 -8.45 -19.10
CA ALA A 260 -7.76 -8.71 -18.60
C ALA A 260 -8.41 -7.41 -18.16
N GLY A 261 -9.68 -7.27 -18.50
CA GLY A 261 -10.38 -6.02 -18.28
C GLY A 261 -11.80 -6.22 -17.80
N LEU A 262 -12.24 -5.28 -16.96
CA LEU A 262 -13.57 -5.19 -16.40
C LEU A 262 -14.10 -3.79 -16.61
N MET A 263 -15.36 -3.69 -17.01
CA MET A 263 -16.03 -2.40 -17.20
C MET A 263 -17.40 -2.45 -16.55
N GLU A 264 -17.82 -1.31 -16.01
CA GLU A 264 -19.09 -1.20 -15.32
C GLU A 264 -19.68 0.17 -15.57
N LEU A 265 -20.96 0.21 -15.95
CA LEU A 265 -21.66 1.46 -16.23
C LEU A 265 -23.02 1.38 -15.56
N ASP A 266 -23.22 2.18 -14.51
CA ASP A 266 -24.49 2.26 -13.82
C ASP A 266 -25.14 3.59 -14.11
N TYR A 267 -26.42 3.56 -14.46
CA TYR A 267 -27.14 4.78 -14.85
C TYR A 267 -28.52 4.77 -14.22
N LEU A 268 -28.83 5.81 -13.46
CA LEU A 268 -30.16 6.05 -12.90
C LEU A 268 -30.71 7.31 -13.51
N PRO A 269 -31.70 7.22 -14.42
CA PRO A 269 -32.15 8.40 -15.17
C PRO A 269 -32.74 9.52 -14.31
N SER A 270 -33.42 9.19 -13.23
CA SER A 270 -34.06 10.21 -12.40
C SER A 270 -33.93 9.79 -10.95
N ASP A 271 -33.96 10.78 -10.06
CA ASP A 271 -33.78 10.56 -8.63
C ASP A 271 -34.74 11.43 -7.83
N LYS A 272 -35.57 10.79 -7.02
CA LYS A 272 -36.48 11.54 -6.15
C LYS A 272 -35.74 12.15 -4.97
N VAL A 273 -34.85 11.38 -4.34
CA VAL A 273 -34.18 11.86 -3.14
C VAL A 273 -33.20 12.98 -3.47
N TYR A 274 -32.42 12.81 -4.55
CA TYR A 274 -31.48 13.85 -4.94
C TYR A 274 -32.22 15.10 -5.42
N GLU A 275 -33.38 14.91 -6.07
CA GLU A 275 -34.18 16.06 -6.47
C GLU A 275 -34.71 16.82 -5.26
N ASP A 276 -35.16 16.09 -4.23
CA ASP A 276 -35.63 16.74 -3.01
C ASP A 276 -34.49 17.47 -2.30
N GLU A 277 -33.33 16.84 -2.23
CA GLU A 277 -32.21 17.38 -1.46
C GLU A 277 -31.28 18.25 -2.31
N HIS A 278 -31.35 18.17 -3.64
CA HIS A 278 -30.90 19.21 -4.56
C HIS A 278 -32.06 19.62 -5.45
N PRO A 279 -32.91 20.52 -4.99
CA PRO A 279 -34.05 20.94 -5.83
C PRO A 279 -33.65 21.83 -6.99
N ASN A 280 -32.47 22.44 -6.96
CA ASN A 280 -32.09 23.45 -7.94
C ASN A 280 -31.27 22.92 -9.11
N ASP A 281 -30.88 21.64 -9.10
CA ASP A 281 -30.08 21.11 -10.20
C ASP A 281 -30.91 20.92 -11.46
N ASP A 282 -30.21 20.85 -12.60
CA ASP A 282 -30.88 20.65 -13.88
C ASP A 282 -31.53 19.27 -13.93
N SER A 283 -30.77 18.23 -13.61
CA SER A 283 -31.26 16.86 -13.68
C SER A 283 -30.77 16.09 -12.46
N SER A 284 -31.53 15.08 -12.08
CA SER A 284 -31.23 14.26 -10.91
C SER A 284 -30.62 12.91 -11.27
N ARG A 285 -30.13 12.76 -12.49
CA ARG A 285 -29.57 11.49 -12.92
C ARG A 285 -28.28 11.19 -12.17
N ARG A 286 -28.07 9.91 -11.90
CA ARG A 286 -26.88 9.41 -11.22
C ARG A 286 -26.16 8.44 -12.13
N TRP A 287 -24.84 8.36 -12.03
CA TRP A 287 -24.15 7.40 -12.87
C TRP A 287 -22.77 7.09 -12.31
N LEU A 288 -22.25 5.94 -12.72
CA LEU A 288 -20.94 5.43 -12.34
C LEU A 288 -20.31 4.78 -13.56
N PHE A 289 -19.05 5.11 -13.83
CA PHE A 289 -18.27 4.44 -14.86
C PHE A 289 -16.98 3.94 -14.24
N TYR A 290 -16.77 2.63 -14.30
CA TYR A 290 -15.58 1.99 -13.74
C TYR A 290 -14.91 1.16 -14.82
N TRP A 291 -13.59 1.24 -14.88
CA TRP A 291 -12.83 0.44 -15.85
C TRP A 291 -11.53 0.03 -15.19
N ASN A 292 -11.30 -1.28 -15.10
CA ASN A 292 -10.07 -1.84 -14.60
C ASN A 292 -9.44 -2.68 -15.69
N HIS A 293 -8.14 -2.55 -15.89
CA HIS A 293 -7.44 -3.29 -16.93
C HIS A 293 -6.05 -3.56 -16.39
N SER A 294 -5.63 -4.82 -16.45
CA SER A 294 -4.25 -5.17 -16.14
C SER A 294 -3.77 -6.17 -17.17
N GLY A 295 -2.67 -5.87 -17.83
CA GLY A 295 -2.16 -6.78 -18.85
C GLY A 295 -0.69 -6.58 -19.11
N VAL A 296 -0.02 -7.66 -19.49
CA VAL A 296 1.35 -7.63 -19.97
C VAL A 296 1.37 -8.36 -21.30
N MET A 297 1.66 -7.63 -22.38
CA MET A 297 1.69 -8.17 -23.72
C MET A 297 3.12 -8.33 -24.19
N ASP A 298 3.42 -9.53 -24.72
CA ASP A 298 4.70 -9.86 -25.33
C ASP A 298 5.86 -9.74 -24.36
N GLN A 299 5.60 -9.87 -23.06
CA GLN A 299 6.58 -9.88 -21.97
C GLN A 299 7.20 -8.51 -21.68
N VAL A 300 6.95 -7.49 -22.51
CA VAL A 300 7.64 -6.22 -22.36
C VAL A 300 6.66 -5.07 -22.22
N TRP A 301 5.44 -5.22 -22.74
CA TRP A 301 4.46 -4.14 -22.72
C TRP A 301 3.55 -4.31 -21.52
N ARG A 302 3.34 -3.23 -20.77
CA ARG A 302 2.48 -3.25 -19.59
C ARG A 302 1.39 -2.22 -19.75
N PHE A 303 0.13 -2.67 -19.69
CA PHE A 303 -1.04 -1.80 -19.79
C PHE A 303 -1.80 -1.86 -18.48
N ASN A 304 -2.03 -0.70 -17.88
CA ASN A 304 -2.76 -0.61 -16.62
C ASN A 304 -3.78 0.51 -16.71
N VAL A 305 -5.02 0.22 -16.32
CA VAL A 305 -6.10 1.20 -16.29
C VAL A 305 -6.87 1.02 -14.98
N ASP A 306 -7.10 2.11 -14.28
CA ASP A 306 -7.94 2.10 -13.06
C ASP A 306 -8.70 3.43 -13.08
N TYR A 307 -9.89 3.42 -13.68
CA TYR A 307 -10.66 4.64 -13.92
C TYR A 307 -12.00 4.54 -13.19
N THR A 308 -12.30 5.56 -12.39
CA THR A 308 -13.60 5.65 -11.75
C THR A 308 -14.15 7.07 -11.92
N LYS A 309 -15.39 7.17 -12.39
CA LYS A 309 -16.07 8.44 -12.56
C LYS A 309 -17.46 8.35 -11.96
N VAL A 310 -17.83 9.36 -11.18
CA VAL A 310 -19.14 9.44 -10.55
C VAL A 310 -19.76 10.79 -10.88
N SER A 311 -21.09 10.81 -10.95
CA SER A 311 -21.79 12.06 -11.22
C SER A 311 -21.65 13.04 -10.06
N ASP A 312 -21.74 12.54 -8.83
CA ASP A 312 -21.74 13.37 -7.64
C ASP A 312 -20.90 12.72 -6.55
N PRO A 313 -20.41 13.50 -5.58
CA PRO A 313 -19.53 12.92 -4.56
C PRO A 313 -20.28 12.10 -3.51
N SER A 314 -21.61 12.18 -3.47
CA SER A 314 -22.40 11.38 -2.55
C SER A 314 -22.88 10.07 -3.17
N TYR A 315 -22.23 9.62 -4.24
CA TYR A 315 -22.67 8.40 -4.90
C TYR A 315 -22.46 7.17 -4.02
N PHE A 316 -21.25 7.02 -3.48
CA PHE A 316 -20.91 5.79 -2.77
C PHE A 316 -21.53 5.72 -1.38
N ASN A 317 -22.00 6.84 -0.84
CA ASN A 317 -22.73 6.83 0.42
C ASN A 317 -24.18 6.44 0.25
N ASP A 318 -24.65 6.27 -0.99
CA ASP A 318 -26.04 6.00 -1.27
C ASP A 318 -26.29 4.74 -2.09
N PHE A 319 -25.25 4.09 -2.60
CA PHE A 319 -25.43 2.98 -3.54
C PHE A 319 -24.50 1.84 -3.17
N ASP A 320 -24.62 0.75 -3.92
CA ASP A 320 -23.87 -0.46 -3.63
C ASP A 320 -22.36 -0.25 -3.82
N ASN A 321 -21.59 -1.06 -3.10
CA ASN A 321 -20.14 -0.89 -3.00
C ASN A 321 -19.38 -1.99 -3.73
N LYS A 322 -19.84 -2.35 -4.92
CA LYS A 322 -19.18 -3.42 -5.68
C LYS A 322 -17.79 -2.98 -6.13
N TYR A 323 -17.69 -1.79 -6.73
CA TYR A 323 -16.42 -1.25 -7.21
C TYR A 323 -16.07 0.07 -6.55
N GLY A 324 -16.57 0.29 -5.34
CA GLY A 324 -16.22 1.47 -4.57
C GLY A 324 -16.65 1.24 -3.14
N SER A 325 -16.33 2.20 -2.28
CA SER A 325 -16.69 2.10 -0.88
C SER A 325 -17.11 3.45 -0.36
N SER A 326 -17.98 3.45 0.65
CA SER A 326 -18.36 4.68 1.32
C SER A 326 -17.20 5.28 2.09
N THR A 327 -16.21 4.46 2.48
CA THR A 327 -15.01 4.95 3.13
C THR A 327 -14.07 5.67 2.19
N ASP A 328 -14.27 5.56 0.88
CA ASP A 328 -13.39 6.19 -0.08
C ASP A 328 -13.57 7.71 -0.04
N GLY A 329 -12.45 8.42 0.04
CA GLY A 329 -12.47 9.87 0.03
C GLY A 329 -12.40 10.50 -1.34
N TYR A 330 -12.13 9.71 -2.38
CA TYR A 330 -12.05 10.23 -3.73
C TYR A 330 -12.06 9.06 -4.70
N ALA A 331 -12.16 9.39 -5.99
CA ALA A 331 -12.10 8.41 -7.06
C ALA A 331 -10.82 8.60 -7.86
N THR A 332 -10.20 7.49 -8.23
CA THR A 332 -8.92 7.50 -8.92
C THR A 332 -9.12 7.28 -10.41
N GLN A 333 -8.27 7.91 -11.23
CA GLN A 333 -8.41 7.89 -12.68
C GLN A 333 -6.99 7.78 -13.23
N LYS A 334 -6.51 6.56 -13.43
CA LYS A 334 -5.12 6.29 -13.75
C LYS A 334 -5.02 5.51 -15.05
N PHE A 335 -4.18 5.98 -15.96
CA PHE A 335 -3.80 5.26 -17.17
C PHE A 335 -2.29 5.11 -17.18
N SER A 336 -1.82 3.94 -17.62
CA SER A 336 -0.39 3.70 -17.62
C SER A 336 -0.03 2.75 -18.75
N VAL A 337 0.90 3.18 -19.61
CA VAL A 337 1.43 2.36 -20.69
C VAL A 337 2.95 2.35 -20.55
N GLY A 338 3.52 1.17 -20.35
CA GLY A 338 4.95 1.06 -20.10
C GLY A 338 5.60 -0.01 -20.94
N TYR A 339 6.90 0.15 -21.14
CA TYR A 339 7.74 -0.84 -21.80
C TYR A 339 8.88 -1.15 -20.84
N ALA A 340 9.04 -2.42 -20.50
CA ALA A 340 10.01 -2.85 -19.50
C ALA A 340 10.80 -4.04 -20.03
N VAL A 341 12.10 -3.85 -20.21
CA VAL A 341 13.04 -4.94 -20.46
C VAL A 341 13.95 -5.03 -19.25
N GLN A 342 14.84 -6.03 -19.25
CA GLN A 342 15.51 -6.47 -18.02
C GLN A 342 16.38 -5.38 -17.38
N ASN A 343 16.83 -4.40 -18.16
N ASN A 343 16.83 -4.40 -18.16
CA ASN A 343 17.63 -3.30 -17.64
CA ASN A 343 17.64 -3.32 -17.65
C ASN A 343 17.06 -1.94 -18.00
C ASN A 343 17.06 -1.94 -17.97
N PHE A 344 15.77 -1.85 -18.32
CA PHE A 344 15.21 -0.58 -18.73
C PHE A 344 13.70 -0.60 -18.55
N ASN A 345 13.13 0.54 -18.21
CA ASN A 345 11.67 0.65 -18.24
C ASN A 345 11.26 2.10 -18.38
N ALA A 346 10.31 2.35 -19.28
CA ALA A 346 9.71 3.65 -19.48
C ALA A 346 8.21 3.52 -19.31
N THR A 347 7.58 4.58 -18.80
CA THR A 347 6.15 4.53 -18.52
C THR A 347 5.55 5.90 -18.75
N VAL A 348 4.52 5.96 -19.60
CA VAL A 348 3.70 7.15 -19.77
C VAL A 348 2.43 6.94 -18.96
N SER A 349 2.20 7.84 -18.01
CA SER A 349 1.11 7.70 -17.06
C SER A 349 0.33 8.99 -16.94
N THR A 350 -0.97 8.85 -16.71
CA THR A 350 -1.88 9.96 -16.47
C THR A 350 -2.65 9.67 -15.20
N LYS A 351 -2.62 10.61 -14.26
CA LYS A 351 -3.27 10.45 -12.96
C LYS A 351 -4.19 11.64 -12.72
N GLN A 352 -5.46 11.35 -12.44
CA GLN A 352 -6.44 12.36 -12.08
C GLN A 352 -7.27 11.83 -10.91
N PHE A 353 -7.78 12.75 -10.10
CA PHE A 353 -8.54 12.38 -8.92
C PHE A 353 -9.79 13.23 -8.80
N GLN A 354 -10.90 12.58 -8.48
CA GLN A 354 -12.15 13.26 -8.21
C GLN A 354 -12.35 13.27 -6.70
N VAL A 355 -12.16 14.43 -6.08
CA VAL A 355 -12.24 14.57 -4.63
C VAL A 355 -13.71 14.73 -4.24
N PHE A 356 -14.16 13.91 -3.30
CA PHE A 356 -15.55 13.90 -2.90
C PHE A 356 -15.90 14.98 -1.88
N SER A 357 -14.93 15.41 -1.08
CA SER A 357 -15.22 16.38 -0.02
C SER A 357 -15.56 17.74 -0.62
N GLU A 358 -16.61 18.37 -0.10
CA GLU A 358 -17.00 19.70 -0.52
C GLU A 358 -16.37 20.80 0.32
N GLN A 359 -15.51 20.45 1.27
CA GLN A 359 -14.78 21.46 2.02
C GLN A 359 -13.84 22.24 1.12
N ASN A 360 -13.15 21.53 0.21
CA ASN A 360 -12.30 22.20 -0.78
C ASN A 360 -12.05 21.20 -1.90
N THR A 361 -12.55 21.51 -3.10
CA THR A 361 -12.39 20.66 -4.27
C THR A 361 -11.29 21.27 -5.13
N SER A 362 -10.05 20.96 -4.80
CA SER A 362 -8.89 21.46 -5.54
C SER A 362 -7.80 20.40 -5.48
N SER A 363 -7.74 19.55 -6.51
CA SER A 363 -6.79 18.45 -6.55
C SER A 363 -5.92 18.58 -7.79
N TYR A 364 -4.61 18.44 -7.59
CA TYR A 364 -3.66 18.46 -8.69
C TYR A 364 -3.66 17.13 -9.42
N SER A 365 -3.30 17.16 -10.70
CA SER A 365 -3.20 15.95 -11.50
C SER A 365 -2.00 16.06 -12.42
N ALA A 366 -1.25 14.97 -12.53
CA ALA A 366 -0.12 14.89 -13.44
C ALA A 366 -0.60 14.19 -14.69
N GLU A 367 -1.06 14.97 -15.68
CA GLU A 367 -1.71 14.36 -16.83
C GLU A 367 -0.69 13.70 -17.77
N PRO A 368 0.32 14.41 -18.34
CA PRO A 368 1.51 13.68 -18.78
C PRO A 368 2.38 13.27 -17.60
N GLN A 369 2.93 12.06 -17.63
CA GLN A 369 4.00 11.69 -16.72
C GLN A 369 4.87 10.63 -17.39
N LEU A 370 6.18 10.79 -17.29
CA LEU A 370 7.13 9.93 -17.98
C LEU A 370 8.17 9.47 -16.97
N ASP A 371 8.17 8.18 -16.65
CA ASP A 371 9.15 7.59 -15.75
C ASP A 371 10.11 6.73 -16.55
N VAL A 372 11.41 6.97 -16.38
CA VAL A 372 12.45 6.23 -17.09
C VAL A 372 13.48 5.78 -16.09
N ASN A 373 13.81 4.48 -16.11
CA ASN A 373 14.86 3.92 -15.29
C ASN A 373 15.85 3.20 -16.18
N TYR A 374 17.13 3.36 -15.88
CA TYR A 374 18.19 2.60 -16.57
C TYR A 374 19.11 2.00 -15.52
N TYR A 375 19.24 0.68 -15.55
CA TYR A 375 20.08 -0.06 -14.62
C TYR A 375 21.29 -0.60 -15.35
N GLN A 376 22.45 -0.55 -14.71
CA GLN A 376 23.65 -1.19 -15.24
C GLN A 376 24.51 -1.59 -14.06
N ASN A 377 24.52 -2.90 -13.76
CA ASN A 377 25.32 -3.42 -12.68
C ASN A 377 26.74 -3.69 -13.17
N ASP A 378 27.56 -4.28 -12.28
CA ASP A 378 28.95 -4.71 -12.39
C ASP A 378 29.81 -3.84 -13.31
N VAL A 379 29.71 -2.52 -13.14
CA VAL A 379 30.63 -1.58 -13.80
C VAL A 379 31.81 -1.39 -12.85
N GLY A 380 32.76 -2.32 -12.94
CA GLY A 380 33.75 -2.47 -11.91
C GLY A 380 33.09 -2.94 -10.63
N PRO A 381 33.59 -2.49 -9.48
CA PRO A 381 32.93 -2.83 -8.21
C PRO A 381 31.58 -2.16 -8.03
N PHE A 382 31.28 -1.11 -8.78
CA PHE A 382 30.10 -0.28 -8.53
C PHE A 382 28.91 -0.72 -9.38
N ASP A 383 27.72 -0.47 -8.86
CA ASP A 383 26.47 -0.63 -9.58
C ASP A 383 25.88 0.75 -9.85
N THR A 384 25.30 0.91 -11.03
CA THR A 384 24.87 2.22 -11.51
C THR A 384 23.38 2.20 -11.87
N ARG A 385 22.69 3.27 -11.50
CA ARG A 385 21.30 3.45 -11.86
C ARG A 385 21.10 4.90 -12.27
N ILE A 386 20.13 5.14 -13.14
CA ILE A 386 19.73 6.50 -13.48
C ILE A 386 18.22 6.55 -13.56
N TYR A 387 17.64 7.60 -12.98
CA TYR A 387 16.20 7.79 -12.93
C TYR A 387 15.85 9.12 -13.58
N GLY A 388 14.91 9.09 -14.52
CA GLY A 388 14.46 10.30 -15.17
C GLY A 388 12.95 10.41 -15.10
N GLN A 389 12.48 11.65 -15.08
CA GLN A 389 11.04 11.89 -14.99
C GLN A 389 10.70 13.25 -15.57
N ALA A 390 9.55 13.31 -16.25
CA ALA A 390 9.00 14.57 -16.74
C ALA A 390 7.51 14.57 -16.47
N VAL A 391 7.04 15.55 -15.70
CA VAL A 391 5.67 15.57 -15.21
C VAL A 391 5.08 16.95 -15.42
N HIS A 392 3.79 17.00 -15.71
CA HIS A 392 3.05 18.25 -15.88
C HIS A 392 1.87 18.26 -14.92
N PHE A 393 1.95 19.10 -13.89
CA PHE A 393 0.89 19.24 -12.90
C PHE A 393 -0.07 20.33 -13.33
N VAL A 394 -1.35 19.96 -13.45
CA VAL A 394 -2.44 20.88 -13.76
C VAL A 394 -3.50 20.71 -12.69
N ASN A 395 -4.14 21.81 -12.31
CA ASN A 395 -5.12 21.81 -11.24
C ASN A 395 -6.52 22.04 -11.80
N THR A 396 -7.51 21.52 -11.08
CA THR A 396 -8.90 21.73 -11.46
C THR A 396 -9.28 23.21 -11.40
N ARG A 397 -8.85 23.90 -10.35
CA ARG A 397 -9.14 25.32 -10.22
C ARG A 397 -8.31 26.13 -11.21
N ASP A 398 -8.88 27.22 -11.68
CA ASP A 398 -8.24 28.04 -12.71
C ASP A 398 -7.30 29.09 -12.15
N ASP A 399 -7.27 29.29 -10.83
CA ASP A 399 -6.45 30.32 -10.22
C ASP A 399 -5.25 29.76 -9.45
N MET A 400 -4.91 28.50 -9.65
CA MET A 400 -3.81 27.86 -8.96
C MET A 400 -2.63 27.65 -9.90
N PRO A 401 -1.43 27.51 -9.37
CA PRO A 401 -0.24 27.35 -10.22
C PRO A 401 -0.26 26.06 -11.01
N GLU A 402 0.35 26.10 -12.19
CA GLU A 402 0.51 24.96 -13.08
C GLU A 402 1.99 24.78 -13.34
N ALA A 403 2.47 23.53 -13.27
CA ALA A 403 3.91 23.32 -13.24
C ALA A 403 4.33 22.26 -14.23
N THR A 404 5.58 22.37 -14.67
CA THR A 404 6.27 21.36 -15.45
C THR A 404 7.59 21.06 -14.75
N ARG A 405 7.77 19.81 -14.34
CA ARG A 405 8.95 19.40 -13.58
C ARG A 405 9.73 18.36 -14.36
N VAL A 406 11.05 18.55 -14.43
CA VAL A 406 11.97 17.61 -15.05
C VAL A 406 12.99 17.19 -14.01
N HIS A 407 13.11 15.89 -13.77
CA HIS A 407 13.94 15.34 -12.71
C HIS A 407 14.91 14.32 -13.27
N LEU A 408 16.18 14.44 -12.88
CA LEU A 408 17.20 13.47 -13.23
C LEU A 408 18.03 13.13 -12.00
N GLU A 409 18.23 11.85 -11.75
CA GLU A 409 19.11 11.47 -10.65
C GLU A 409 19.95 10.24 -11.00
N PRO A 410 21.26 10.41 -11.14
CA PRO A 410 22.16 9.26 -11.15
C PRO A 410 22.40 8.74 -9.74
N THR A 411 22.73 7.46 -9.66
CA THR A 411 23.00 6.79 -8.40
C THR A 411 24.11 5.77 -8.62
N ILE A 412 25.12 5.79 -7.77
CA ILE A 412 26.21 4.82 -7.83
C ILE A 412 26.41 4.22 -6.45
N ASN A 413 26.48 2.89 -6.37
CA ASN A 413 26.63 2.25 -5.08
C ASN A 413 27.70 1.17 -5.11
N LEU A 414 28.39 1.02 -3.99
CA LEU A 414 29.36 -0.04 -3.76
C LEU A 414 28.80 -0.99 -2.70
N PRO A 415 28.32 -2.16 -3.08
CA PRO A 415 27.97 -3.19 -2.08
C PRO A 415 29.17 -4.04 -1.68
N LEU A 416 29.23 -4.45 -0.42
CA LEU A 416 30.22 -5.38 0.07
C LEU A 416 29.52 -6.32 1.04
N SER A 417 29.76 -7.62 0.91
CA SER A 417 29.03 -8.60 1.70
C SER A 417 29.96 -9.72 2.15
N ASN A 418 29.61 -10.30 3.30
CA ASN A 418 30.26 -11.50 3.82
C ASN A 418 29.20 -12.47 4.31
N ASN A 419 29.62 -13.51 5.03
CA ASN A 419 28.65 -14.41 5.64
C ASN A 419 27.91 -13.75 6.78
N TRP A 420 28.49 -12.72 7.40
CA TRP A 420 27.92 -12.14 8.61
C TRP A 420 27.66 -10.64 8.46
N GLY A 421 28.40 -9.99 7.57
CA GLY A 421 28.32 -8.54 7.47
C GLY A 421 27.93 -8.03 6.10
N SER A 422 27.45 -6.79 6.05
CA SER A 422 27.10 -6.15 4.79
C SER A 422 27.26 -4.64 4.94
N ILE A 423 27.98 -4.03 4.01
CA ILE A 423 28.17 -2.58 3.99
C ILE A 423 27.88 -2.08 2.58
N ASN A 424 26.99 -1.09 2.48
CA ASN A 424 26.55 -0.56 1.20
C ASN A 424 26.74 0.94 1.21
N THR A 425 27.59 1.45 0.32
CA THR A 425 27.80 2.88 0.19
C THR A 425 27.08 3.38 -1.06
N GLU A 426 26.40 4.52 -0.94
CA GLU A 426 25.61 5.03 -2.05
C GLU A 426 25.78 6.53 -2.18
N ALA A 427 25.95 6.99 -3.42
CA ALA A 427 26.02 8.40 -3.75
C ALA A 427 25.00 8.68 -4.84
N LYS A 428 24.09 9.61 -4.57
CA LYS A 428 23.02 9.95 -5.48
C LYS A 428 23.05 11.43 -5.79
N PHE A 429 22.61 11.80 -7.00
CA PHE A 429 22.76 13.16 -7.50
C PHE A 429 21.43 13.62 -8.08
N LEU A 430 20.63 14.30 -7.27
CA LEU A 430 19.31 14.75 -7.69
C LEU A 430 19.38 16.11 -8.37
N ALA A 431 18.65 16.27 -9.46
CA ALA A 431 18.58 17.55 -10.16
C ALA A 431 17.17 17.74 -10.69
N THR A 432 16.49 18.77 -10.19
CA THR A 432 15.10 19.04 -10.56
C THR A 432 14.98 20.44 -11.14
N HIS A 433 14.09 20.59 -12.11
CA HIS A 433 13.85 21.86 -12.80
C HIS A 433 12.35 22.08 -12.88
N TYR A 434 11.90 23.25 -12.43
CA TYR A 434 10.50 23.61 -12.35
C TYR A 434 10.21 24.82 -13.23
N GLN A 435 9.20 24.72 -14.08
CA GLN A 435 8.59 25.86 -14.76
C GLN A 435 7.19 26.03 -14.20
N GLN A 436 6.94 27.15 -13.54
CA GLN A 436 5.66 27.42 -12.91
C GLN A 436 4.98 28.60 -13.56
N THR A 437 3.71 28.44 -13.92
CA THR A 437 2.93 29.49 -14.55
C THR A 437 1.58 29.58 -13.86
N ASN A 438 0.82 30.63 -14.20
CA ASN A 438 -0.50 30.88 -13.62
C ASN A 438 -0.39 31.06 -12.11
N LEU A 439 0.59 31.84 -11.68
CA LEU A 439 0.89 32.03 -10.27
C LEU A 439 0.67 33.46 -9.81
N ASP A 440 -0.08 34.26 -10.59
CA ASP A 440 -0.42 35.60 -10.14
C ASP A 440 -1.36 35.56 -8.93
N TRP A 441 -2.34 34.67 -8.95
CA TRP A 441 -3.31 34.58 -7.86
C TRP A 441 -2.65 34.16 -6.55
N TYR A 442 -1.71 33.21 -6.62
CA TYR A 442 -1.02 32.79 -5.40
C TYR A 442 -0.14 33.91 -4.87
N ASN A 443 0.57 34.61 -5.76
CA ASN A 443 1.44 35.69 -5.32
C ASN A 443 0.66 36.91 -4.85
N SER A 444 -0.62 37.02 -5.19
CA SER A 444 -1.42 38.15 -4.76
C SER A 444 -1.77 38.11 -3.28
N ARG A 445 -1.55 36.99 -2.59
CA ARG A 445 -2.00 36.86 -1.21
C ARG A 445 -0.92 36.36 -0.26
N ASN A 446 0.02 35.55 -0.72
CA ASN A 446 1.04 34.98 0.14
C ASN A 446 2.31 35.81 0.12
N THR A 447 3.04 35.79 1.24
CA THR A 447 4.30 36.52 1.33
C THR A 447 5.42 35.79 0.59
N THR A 448 5.47 34.47 0.69
CA THR A 448 6.51 33.68 0.03
C THR A 448 6.17 33.59 -1.45
N LYS A 449 6.98 34.26 -2.28
CA LYS A 449 6.69 34.36 -3.70
C LYS A 449 7.09 33.09 -4.42
N LEU A 450 6.15 32.48 -5.12
CA LEU A 450 6.49 31.37 -6.02
C LEU A 450 7.27 31.91 -7.21
N ASP A 451 8.38 31.26 -7.53
CA ASP A 451 9.23 31.73 -8.61
C ASP A 451 8.76 31.18 -9.95
N GLU A 452 9.00 31.95 -11.01
CA GLU A 452 8.59 31.54 -12.34
C GLU A 452 9.32 30.28 -12.79
N SER A 453 10.64 30.28 -12.64
CA SER A 453 11.47 29.15 -13.04
C SER A 453 12.51 28.90 -11.96
N VAL A 454 12.60 27.65 -11.50
CA VAL A 454 13.57 27.30 -10.47
C VAL A 454 14.29 26.02 -10.86
N ASN A 455 15.43 25.81 -10.24
CA ASN A 455 16.17 24.56 -10.41
C ASN A 455 17.02 24.30 -9.18
N ARG A 456 17.13 23.03 -8.80
CA ARG A 456 17.78 22.64 -7.55
C ARG A 456 18.51 21.32 -7.72
N VAL A 457 19.75 21.29 -7.25
CA VAL A 457 20.62 20.13 -7.38
C VAL A 457 21.14 19.79 -5.99
N MET A 458 21.01 18.51 -5.60
CA MET A 458 21.50 18.07 -4.31
C MET A 458 22.28 16.76 -4.40
N PRO A 459 23.42 16.66 -3.74
CA PRO A 459 24.06 15.37 -3.53
C PRO A 459 23.56 14.72 -2.25
N GLN A 460 23.34 13.41 -2.33
CA GLN A 460 22.90 12.62 -1.20
C GLN A 460 23.90 11.52 -0.96
N PHE A 461 24.32 11.34 0.30
CA PHE A 461 25.30 10.34 0.65
C PHE A 461 24.72 9.41 1.71
N LYS A 462 24.85 8.10 1.47
CA LYS A 462 24.22 7.11 2.32
C LYS A 462 25.20 5.99 2.62
N VAL A 463 25.25 5.56 3.88
CA VAL A 463 26.05 4.42 4.29
C VAL A 463 25.16 3.50 5.09
N ASP A 464 25.01 2.26 4.65
CA ASP A 464 24.20 1.27 5.33
C ASP A 464 25.12 0.12 5.77
N GLY A 465 24.88 -0.40 6.96
CA GLY A 465 25.65 -1.53 7.44
C GLY A 465 24.78 -2.43 8.28
N LYS A 466 25.07 -3.72 8.25
CA LYS A 466 24.33 -4.67 9.05
C LYS A 466 25.21 -5.87 9.38
N MET A 467 24.96 -6.45 10.54
CA MET A 467 25.68 -7.63 11.00
C MET A 467 24.68 -8.70 11.41
N VAL A 468 25.16 -9.94 11.48
CA VAL A 468 24.33 -11.06 11.91
C VAL A 468 25.11 -11.88 12.93
N PHE A 469 24.55 -12.04 14.12
CA PHE A 469 25.08 -12.92 15.15
C PHE A 469 24.13 -14.09 15.34
N GLU A 470 24.68 -15.27 15.62
CA GLU A 470 23.89 -16.46 15.82
C GLU A 470 24.32 -17.16 17.09
N ARG A 471 23.34 -17.77 17.77
CA ARG A 471 23.65 -18.59 18.93
C ARG A 471 22.67 -19.75 18.98
N ASP A 472 23.07 -20.82 19.66
CA ASP A 472 22.20 -21.95 19.89
C ASP A 472 21.37 -21.68 21.14
N MET A 473 20.09 -22.04 21.09
CA MET A 473 19.12 -21.67 22.11
C MET A 473 18.78 -22.87 23.00
N GLU A 474 19.82 -23.64 23.37
CA GLU A 474 19.60 -24.94 24.02
C GLU A 474 18.98 -24.79 25.40
N MET A 475 19.18 -23.65 26.06
CA MET A 475 18.69 -23.47 27.42
C MET A 475 17.17 -23.49 27.48
N LEU A 476 16.52 -22.85 26.51
CA LEU A 476 15.05 -22.80 26.46
C LEU A 476 14.49 -23.89 25.56
N ALA A 477 14.87 -23.87 24.28
CA ALA A 477 14.39 -24.86 23.31
C ALA A 477 15.56 -25.51 22.61
N PRO A 478 15.85 -26.78 22.88
CA PRO A 478 17.05 -27.42 22.31
C PRO A 478 16.93 -27.59 20.81
N GLY A 479 18.00 -27.23 20.10
CA GLY A 479 18.03 -27.27 18.66
C GLY A 479 17.62 -25.99 17.97
N TYR A 480 16.92 -25.10 18.66
CA TYR A 480 16.53 -23.82 18.10
C TYR A 480 17.72 -22.89 18.05
N THR A 481 17.68 -21.95 17.11
CA THR A 481 18.75 -20.98 16.93
C THR A 481 18.19 -19.57 17.02
N GLN A 482 18.97 -18.66 17.60
CA GLN A 482 18.57 -17.27 17.74
C GLN A 482 19.55 -16.39 16.99
N THR A 483 19.03 -15.47 16.19
CA THR A 483 19.82 -14.53 15.40
C THR A 483 19.56 -13.12 15.88
N LEU A 484 20.64 -12.38 16.13
CA LEU A 484 20.60 -10.98 16.52
C LEU A 484 21.22 -10.16 15.39
N GLU A 485 20.46 -9.21 14.86
CA GLU A 485 20.83 -8.52 13.63
C GLU A 485 20.88 -7.03 13.89
N PRO A 486 22.04 -6.47 14.22
CA PRO A 486 22.20 -5.02 14.26
C PRO A 486 22.28 -4.41 12.87
N ARG A 487 21.73 -3.20 12.76
CA ARG A 487 21.74 -2.45 11.51
C ARG A 487 21.93 -0.97 11.83
N ALA A 488 22.78 -0.31 11.05
CA ALA A 488 23.06 1.11 11.23
C ALA A 488 23.06 1.78 9.87
N GLN A 489 22.76 3.08 9.87
CA GLN A 489 22.68 3.83 8.64
C GLN A 489 23.02 5.29 8.91
N TYR A 490 23.78 5.89 8.01
CA TYR A 490 24.09 7.31 8.04
C TYR A 490 23.60 7.95 6.75
N LEU A 491 22.83 9.03 6.87
CA LEU A 491 22.27 9.73 5.73
C LEU A 491 22.62 11.20 5.82
N TYR A 492 23.13 11.75 4.71
CA TYR A 492 23.44 13.16 4.60
C TYR A 492 22.88 13.72 3.31
N VAL A 493 22.19 14.85 3.42
CA VAL A 493 21.61 15.59 2.30
C VAL A 493 21.57 17.06 2.70
N PRO A 494 22.23 17.95 1.95
CA PRO A 494 22.30 19.36 2.37
C PRO A 494 20.97 20.07 2.18
N TYR A 495 20.84 21.20 2.86
CA TYR A 495 19.59 21.94 2.91
C TYR A 495 19.48 22.85 1.69
N ARG A 496 18.33 22.75 1.01
CA ARG A 496 17.98 23.67 -0.06
C ARG A 496 16.63 24.28 0.25
N ASP A 497 16.46 25.53 -0.12
CA ASP A 497 15.28 26.30 0.23
C ASP A 497 14.22 26.01 -0.83
N GLN A 498 13.17 25.28 -0.44
CA GLN A 498 12.04 25.01 -1.32
C GLN A 498 10.84 25.89 -1.02
N SER A 499 11.06 27.11 -0.54
CA SER A 499 9.93 27.98 -0.23
C SER A 499 9.22 28.44 -1.49
N ASP A 500 9.96 28.65 -2.57
CA ASP A 500 9.39 29.17 -3.81
C ASP A 500 8.84 28.08 -4.72
N ILE A 501 8.82 26.83 -4.29
CA ILE A 501 8.26 25.73 -5.05
C ILE A 501 6.98 25.29 -4.35
N TYR A 502 5.88 25.27 -5.09
CA TYR A 502 4.63 24.77 -4.54
C TYR A 502 4.74 23.27 -4.30
N ASN A 503 4.05 22.78 -3.27
CA ASN A 503 4.05 21.37 -2.94
C ASN A 503 2.92 20.70 -3.72
N TYR A 504 3.29 19.92 -4.75
CA TYR A 504 2.29 19.26 -5.58
C TYR A 504 2.04 17.83 -5.13
N ASP A 505 3.10 17.01 -5.05
CA ASP A 505 2.92 15.60 -4.70
C ASP A 505 3.98 15.16 -3.69
N SER A 506 4.19 15.96 -2.65
CA SER A 506 5.07 15.60 -1.55
C SER A 506 4.28 15.59 -0.25
N SER A 507 4.36 14.48 0.48
CA SER A 507 3.63 14.32 1.73
C SER A 507 4.49 13.56 2.71
N LEU A 508 4.17 13.71 4.00
CA LEU A 508 4.88 13.00 5.05
C LEU A 508 4.65 11.50 4.93
N LEU A 509 5.67 10.73 5.30
CA LEU A 509 5.63 9.27 5.22
C LEU A 509 5.64 8.67 6.61
N GLN A 510 5.03 7.49 6.75
CA GLN A 510 5.09 6.77 8.01
C GLN A 510 6.52 6.33 8.33
N SER A 511 6.82 6.27 9.63
CA SER A 511 8.17 5.83 10.06
C SER A 511 8.07 4.49 10.80
N ASP A 512 7.83 3.41 10.07
CA ASP A 512 7.79 2.05 10.69
C ASP A 512 9.23 1.55 10.86
N TYR A 513 9.41 0.36 11.43
CA TYR A 513 10.81 -0.10 11.68
C TYR A 513 11.55 -0.02 10.35
N SER A 514 10.93 -0.53 9.29
CA SER A 514 11.56 -0.50 7.97
C SER A 514 11.59 0.92 7.41
N GLY A 515 10.64 1.76 7.81
CA GLY A 515 10.64 3.15 7.39
C GLY A 515 11.66 4.03 8.06
N LEU A 516 12.33 3.52 9.09
CA LEU A 516 13.41 4.27 9.72
C LEU A 516 14.61 4.41 8.78
N PHE A 517 14.76 3.46 7.86
CA PHE A 517 15.94 3.40 7.00
C PHE A 517 15.70 3.97 5.61
N ARG A 518 14.57 4.65 5.39
CA ARG A 518 14.37 5.35 4.12
C ARG A 518 15.29 6.56 4.04
N ASP A 519 15.61 6.95 2.80
CA ASP A 519 16.38 8.15 2.53
C ASP A 519 15.50 9.36 2.26
N ARG A 520 14.19 9.20 2.29
CA ARG A 520 13.26 10.27 1.94
C ARG A 520 12.29 10.50 3.09
N THR A 521 12.05 11.77 3.41
CA THR A 521 11.04 12.13 4.39
C THR A 521 9.68 12.36 3.75
N TYR A 522 9.64 12.93 2.55
CA TYR A 522 8.41 13.17 1.82
C TYR A 522 8.42 12.35 0.54
N GLY A 523 7.22 11.91 0.13
CA GLY A 523 7.07 11.30 -1.17
C GLY A 523 7.16 12.33 -2.27
N GLY A 524 7.18 11.85 -3.51
CA GLY A 524 7.27 12.77 -4.63
C GLY A 524 8.63 13.45 -4.69
N LEU A 525 8.65 14.63 -5.31
CA LEU A 525 9.91 15.35 -5.48
C LEU A 525 9.78 16.86 -5.28
N ASP A 526 8.73 17.34 -4.61
CA ASP A 526 8.65 18.77 -4.35
C ASP A 526 9.41 19.15 -3.09
N ARG A 527 9.25 18.37 -2.03
CA ARG A 527 9.89 18.63 -0.74
C ARG A 527 10.94 17.55 -0.50
N ILE A 528 12.18 17.98 -0.28
CA ILE A 528 13.27 17.07 0.05
C ILE A 528 13.97 17.66 1.27
N ALA A 529 13.68 17.12 2.44
CA ALA A 529 14.22 17.68 3.67
C ALA A 529 15.71 17.39 3.79
N SER A 530 16.46 18.40 4.25
CA SER A 530 17.87 18.20 4.55
C SER A 530 18.00 17.22 5.70
N ALA A 531 18.98 16.32 5.60
CA ALA A 531 19.15 15.27 6.59
C ALA A 531 20.61 15.18 7.01
N ASN A 532 20.85 15.09 8.30
CA ASN A 532 22.16 14.69 8.83
C ASN A 532 21.84 13.76 10.00
N GLN A 533 21.69 12.47 9.70
CA GLN A 533 21.11 11.58 10.70
C GLN A 533 21.77 10.22 10.65
N VAL A 534 21.75 9.55 11.80
CA VAL A 534 22.13 8.15 11.93
C VAL A 534 20.97 7.40 12.55
N THR A 535 20.59 6.29 11.93
CA THR A 535 19.52 5.44 12.41
C THR A 535 20.07 4.07 12.77
N THR A 536 19.56 3.50 13.85
CA THR A 536 20.03 2.22 14.36
C THR A 536 18.84 1.33 14.66
N GLY A 537 19.05 0.02 14.50
CA GLY A 537 17.99 -0.93 14.76
C GLY A 537 18.56 -2.29 15.08
N VAL A 538 17.76 -3.09 15.77
CA VAL A 538 18.11 -4.47 16.11
C VAL A 538 16.92 -5.36 15.81
N THR A 539 17.17 -6.48 15.14
CA THR A 539 16.14 -7.47 14.86
C THR A 539 16.55 -8.82 15.42
N SER A 540 15.68 -9.42 16.22
CA SER A 540 15.95 -10.73 16.81
C SER A 540 14.98 -11.74 16.24
N ARG A 541 15.51 -12.87 15.76
CA ARG A 541 14.72 -13.91 15.15
C ARG A 541 15.03 -15.24 15.81
N ILE A 542 14.05 -16.14 15.81
CA ILE A 542 14.19 -17.48 16.37
C ILE A 542 13.78 -18.49 15.32
N TYR A 543 14.58 -19.53 15.15
CA TYR A 543 14.35 -20.59 14.18
C TYR A 543 14.28 -21.92 14.91
N ASP A 544 13.32 -22.76 14.53
CA ASP A 544 13.16 -24.06 15.16
C ASP A 544 14.13 -25.05 14.56
N ASP A 545 13.88 -26.34 14.81
CA ASP A 545 14.76 -27.39 14.29
C ASP A 545 14.69 -27.50 12.77
N ALA A 546 13.57 -27.07 12.18
CA ALA A 546 13.38 -27.14 10.74
C ALA A 546 13.83 -25.88 10.02
N ALA A 547 14.53 -24.98 10.72
CA ALA A 547 14.98 -23.72 10.16
C ALA A 547 13.82 -22.84 9.69
N VAL A 548 12.72 -22.88 10.43
CA VAL A 548 11.54 -22.06 10.13
C VAL A 548 11.47 -20.92 11.14
N GLU A 549 11.32 -19.70 10.66
CA GLU A 549 11.22 -18.55 11.55
C GLU A 549 9.92 -18.62 12.33
N ARG A 550 10.03 -18.54 13.66
CA ARG A 550 8.86 -18.59 14.53
C ARG A 550 8.61 -17.29 15.28
N PHE A 551 9.60 -16.41 15.38
CA PHE A 551 9.44 -15.18 16.14
C PHE A 551 10.46 -14.17 15.64
N ASN A 552 10.02 -12.91 15.51
CA ASN A 552 10.94 -11.82 15.22
C ASN A 552 10.47 -10.54 15.90
N ILE A 553 11.43 -9.76 16.38
CA ILE A 553 11.16 -8.49 17.05
C ILE A 553 12.17 -7.47 16.56
N SER A 554 11.72 -6.24 16.34
CA SER A 554 12.56 -5.18 15.82
C SER A 554 12.34 -3.90 16.60
N VAL A 555 13.43 -3.18 16.86
CA VAL A 555 13.38 -1.88 17.51
C VAL A 555 14.42 -0.99 16.88
N GLY A 556 14.09 0.29 16.73
CA GLY A 556 15.00 1.22 16.11
C GLY A 556 14.69 2.65 16.50
N GLN A 557 15.63 3.53 16.15
CA GLN A 557 15.50 4.94 16.47
C GLN A 557 16.23 5.75 15.41
N ILE A 558 15.87 7.02 15.30
CA ILE A 558 16.51 7.93 14.36
C ILE A 558 17.06 9.10 15.13
N TYR A 559 18.37 9.30 15.04
CA TYR A 559 19.08 10.38 15.73
C TYR A 559 19.41 11.46 14.71
N TYR A 560 18.92 12.67 14.94
CA TYR A 560 19.20 13.81 14.09
C TYR A 560 20.31 14.64 14.72
N PHE A 561 21.41 14.81 13.99
CA PHE A 561 22.47 15.71 14.43
C PHE A 561 22.09 17.16 14.21
N THR A 562 21.38 17.43 13.11
CA THR A 562 20.85 18.76 12.81
C THR A 562 19.38 18.61 12.43
N GLU A 563 18.64 19.71 12.56
CA GLU A 563 17.22 19.70 12.25
C GLU A 563 16.99 19.46 10.77
N SER A 564 16.00 18.63 10.44
CA SER A 564 15.66 18.35 9.06
C SER A 564 14.69 19.41 8.57
N ARG A 565 15.23 20.44 7.91
CA ARG A 565 14.46 21.59 7.48
C ARG A 565 14.37 21.62 5.96
N THR A 566 13.19 21.95 5.45
CA THR A 566 12.94 22.00 4.02
C THR A 566 12.64 23.41 3.50
N GLY A 567 12.69 24.42 4.35
CA GLY A 567 12.42 25.78 3.96
C GLY A 567 10.95 26.18 3.98
N ASP A 568 10.05 25.20 4.06
CA ASP A 568 8.62 25.43 4.15
C ASP A 568 8.04 24.52 5.24
N ASP A 569 8.67 24.54 6.41
CA ASP A 569 8.26 23.68 7.52
C ASP A 569 7.09 24.33 8.23
N ASN A 570 5.90 23.75 8.06
CA ASN A 570 4.69 24.24 8.70
C ASN A 570 4.00 23.18 9.55
N ILE A 571 4.65 22.05 9.81
CA ILE A 571 4.05 21.01 10.62
C ILE A 571 3.94 21.49 12.06
N THR A 572 2.75 21.33 12.64
CA THR A 572 2.48 21.80 14.00
C THR A 572 2.84 20.70 15.00
N TRP A 573 4.12 20.70 15.37
CA TRP A 573 4.61 19.77 16.38
C TRP A 573 4.11 20.17 17.77
N GLU A 574 3.94 19.16 18.63
CA GLU A 574 3.50 19.43 20.00
C GLU A 574 4.57 20.22 20.76
N ASN A 575 5.83 19.88 20.57
CA ASN A 575 6.92 20.63 21.21
C ASN A 575 8.02 20.97 20.22
N ASP A 576 9.14 21.49 20.71
CA ASP A 576 10.16 22.09 19.85
C ASP A 576 11.50 21.37 19.92
N ASP A 577 11.48 20.04 19.89
CA ASP A 577 12.72 19.29 19.74
C ASP A 577 13.11 19.21 18.27
N LYS A 578 14.40 19.36 18.01
CA LYS A 578 14.88 19.42 16.64
C LYS A 578 16.01 18.43 16.40
N THR A 579 16.78 18.11 17.43
CA THR A 579 17.89 17.19 17.33
C THR A 579 17.76 16.13 18.42
N GLY A 580 18.57 15.09 18.30
CA GLY A 580 18.55 13.98 19.24
C GLY A 580 17.83 12.79 18.66
N SER A 581 17.59 11.80 19.52
CA SER A 581 16.86 10.59 19.14
C SER A 581 15.37 10.93 19.14
N LEU A 582 14.82 11.20 17.96
CA LEU A 582 13.50 11.78 17.89
C LEU A 582 12.39 10.80 17.50
N VAL A 583 12.71 9.74 16.78
CA VAL A 583 11.71 8.81 16.26
C VAL A 583 12.06 7.41 16.72
N TRP A 584 11.08 6.68 17.24
CA TRP A 584 11.28 5.29 17.65
C TRP A 584 10.22 4.42 16.99
N ALA A 585 10.63 3.23 16.55
CA ALA A 585 9.71 2.30 15.92
C ALA A 585 10.01 0.89 16.40
N GLY A 586 8.97 0.07 16.44
CA GLY A 586 9.13 -1.31 16.86
C GLY A 586 8.10 -2.22 16.23
N ASP A 587 8.53 -3.42 15.82
CA ASP A 587 7.65 -4.40 15.21
C ASP A 587 7.89 -5.76 15.85
N THR A 588 6.86 -6.61 15.83
CA THR A 588 6.98 -7.96 16.35
C THR A 588 5.98 -8.85 15.63
N TYR A 589 6.37 -10.11 15.44
CA TYR A 589 5.51 -11.10 14.79
C TYR A 589 5.84 -12.45 15.40
N TRP A 590 4.93 -12.97 16.23
CA TRP A 590 5.11 -14.24 16.92
C TRP A 590 4.14 -15.26 16.35
N ARG A 591 4.67 -16.40 15.94
CA ARG A 591 3.86 -17.52 15.46
C ARG A 591 3.84 -18.54 16.59
N ILE A 592 2.80 -18.46 17.44
CA ILE A 592 2.76 -19.27 18.66
C ILE A 592 2.61 -20.75 18.32
N SER A 593 1.85 -21.07 17.28
CA SER A 593 1.69 -22.44 16.82
C SER A 593 1.26 -22.39 15.37
N GLU A 594 0.83 -23.54 14.85
CA GLU A 594 0.38 -23.59 13.46
C GLU A 594 -0.94 -22.85 13.28
N ARG A 595 -1.73 -22.75 14.33
CA ARG A 595 -3.05 -22.12 14.27
C ARG A 595 -3.13 -20.81 15.05
N TRP A 596 -2.02 -20.34 15.63
CA TRP A 596 -1.99 -19.11 16.39
C TRP A 596 -0.97 -18.15 15.77
N GLY A 597 -1.14 -16.87 16.03
CA GLY A 597 -0.21 -15.88 15.52
C GLY A 597 -0.59 -14.46 15.87
N LEU A 598 0.38 -13.64 16.27
CA LEU A 598 0.11 -12.25 16.59
C LEU A 598 1.17 -11.36 15.97
N ARG A 599 0.75 -10.15 15.62
CA ARG A 599 1.65 -9.11 15.15
C ARG A 599 1.40 -7.83 15.94
N GLY A 600 2.45 -7.04 16.07
CA GLY A 600 2.37 -5.77 16.78
C GLY A 600 3.32 -4.77 16.18
N GLY A 601 2.94 -3.50 16.25
CA GLY A 601 3.76 -2.43 15.74
C GLY A 601 3.47 -1.12 16.44
N ILE A 602 4.52 -0.44 16.90
CA ILE A 602 4.37 0.78 17.69
C ILE A 602 5.33 1.83 17.17
N GLN A 603 4.87 3.07 17.12
CA GLN A 603 5.66 4.20 16.67
C GLN A 603 5.55 5.30 17.71
N TYR A 604 6.69 5.82 18.17
CA TYR A 604 6.71 6.88 19.16
C TYR A 604 7.46 8.07 18.56
N ASP A 605 6.93 9.28 18.80
CA ASP A 605 7.57 10.49 18.35
C ASP A 605 7.71 11.45 19.52
N THR A 606 8.93 11.96 19.72
CA THR A 606 9.17 12.94 20.76
C THR A 606 8.65 14.31 20.37
N ARG A 607 8.66 14.63 19.08
CA ARG A 607 8.11 15.90 18.62
C ARG A 607 6.61 15.96 18.85
N LEU A 608 5.91 14.84 18.65
CA LEU A 608 4.55 14.73 19.14
C LEU A 608 4.50 14.48 20.64
N ASP A 609 5.60 13.99 21.22
CA ASP A 609 5.69 13.65 22.64
C ASP A 609 4.65 12.59 23.00
N ASN A 610 4.51 11.58 22.14
CA ASN A 610 3.44 10.61 22.32
C ASN A 610 3.66 9.46 21.34
N VAL A 611 3.00 8.33 21.63
CA VAL A 611 2.89 7.24 20.68
C VAL A 611 2.04 7.72 19.52
N ALA A 612 2.67 7.91 18.36
CA ALA A 612 1.96 8.42 17.20
C ALA A 612 0.97 7.40 16.67
N THR A 613 1.39 6.16 16.49
CA THR A 613 0.56 5.14 15.90
C THR A 613 1.00 3.77 16.41
N SER A 614 0.03 2.89 16.66
CA SER A 614 0.32 1.53 17.03
C SER A 614 -0.82 0.63 16.55
N ASN A 615 -0.51 -0.66 16.42
CA ASN A 615 -1.50 -1.62 15.97
C ASN A 615 -1.11 -2.99 16.52
N SER A 616 -2.10 -3.88 16.60
CA SER A 616 -1.87 -5.22 17.10
C SER A 616 -2.99 -6.12 16.60
N SER A 617 -2.72 -7.42 16.60
CA SER A 617 -3.72 -8.40 16.21
C SER A 617 -3.29 -9.82 16.57
N ILE A 618 -4.21 -10.61 17.12
CA ILE A 618 -3.97 -12.01 17.42
C ILE A 618 -5.06 -12.82 16.72
N GLU A 619 -4.65 -13.89 16.03
CA GLU A 619 -5.57 -14.69 15.25
C GLU A 619 -5.49 -16.16 15.64
N TYR A 620 -6.65 -16.78 15.76
CA TYR A 620 -6.80 -18.23 15.78
C TYR A 620 -7.53 -18.63 14.50
N ARG A 621 -6.83 -19.31 13.61
CA ARG A 621 -7.39 -19.72 12.32
C ARG A 621 -7.04 -21.18 12.08
N ARG A 622 -7.99 -22.08 12.36
CA ARG A 622 -7.75 -23.48 12.03
C ARG A 622 -7.94 -23.72 10.54
N ASP A 623 -8.87 -23.01 9.91
CA ASP A 623 -8.94 -23.00 8.44
C ASP A 623 -9.83 -21.84 8.00
N GLU A 624 -9.97 -21.68 6.68
CA GLU A 624 -10.76 -20.59 6.13
C GLU A 624 -12.23 -20.68 6.55
N ASP A 625 -12.71 -21.89 6.83
CA ASP A 625 -14.06 -22.03 7.36
C ASP A 625 -14.15 -21.52 8.79
N ARG A 626 -13.16 -21.80 9.63
CA ARG A 626 -13.26 -21.49 11.05
C ARG A 626 -12.01 -20.79 11.56
N LEU A 627 -12.20 -19.61 12.13
CA LEU A 627 -11.11 -18.74 12.55
C LEU A 627 -11.65 -17.69 13.52
N VAL A 628 -10.73 -17.09 14.28
CA VAL A 628 -11.02 -15.99 15.19
C VAL A 628 -9.87 -14.99 15.10
N GLN A 629 -10.18 -13.69 15.19
CA GLN A 629 -9.16 -12.66 15.15
C GLN A 629 -9.60 -11.46 15.98
N LEU A 630 -8.64 -10.87 16.69
CA LEU A 630 -8.83 -9.63 17.43
C LEU A 630 -7.72 -8.67 17.06
N ASN A 631 -8.07 -7.44 16.69
CA ASN A 631 -7.08 -6.44 16.31
C ASN A 631 -7.42 -5.10 16.94
N TYR A 632 -6.40 -4.25 17.02
CA TYR A 632 -6.52 -2.94 17.66
C TYR A 632 -5.75 -1.92 16.83
N HIS A 633 -6.39 -0.78 16.55
CA HIS A 633 -5.77 0.29 15.78
C HIS A 633 -5.81 1.58 16.56
N TYR A 634 -4.66 2.26 16.63
CA TYR A 634 -4.52 3.51 17.38
C TYR A 634 -3.77 4.53 16.55
N ALA A 635 -4.19 5.78 16.65
CA ALA A 635 -3.52 6.92 16.03
C ALA A 635 -3.84 8.14 16.87
N SER A 636 -2.82 8.72 17.50
CA SER A 636 -3.03 9.73 18.52
C SER A 636 -3.56 11.02 17.90
N PRO A 637 -4.27 11.83 18.69
CA PRO A 637 -4.75 13.13 18.16
C PRO A 637 -3.63 14.08 17.79
N GLU A 638 -2.49 14.02 18.47
CA GLU A 638 -1.37 14.88 18.11
C GLU A 638 -0.85 14.54 16.72
N TYR A 639 -0.81 13.26 16.38
CA TYR A 639 -0.36 12.87 15.04
C TYR A 639 -1.33 13.36 13.98
N ILE A 640 -2.63 13.28 14.25
CA ILE A 640 -3.63 13.79 13.31
C ILE A 640 -3.49 15.30 13.13
N GLN A 641 -3.23 16.01 14.23
CA GLN A 641 -3.00 17.45 14.13
C GLN A 641 -1.74 17.75 13.33
N ALA A 642 -0.68 16.97 13.52
CA ALA A 642 0.60 17.26 12.89
C ALA A 642 0.56 16.97 11.39
N THR A 643 0.02 15.82 11.00
CA THR A 643 0.16 15.38 9.61
C THR A 643 -1.01 15.76 8.73
N LEU A 644 -2.24 15.57 9.19
CA LEU A 644 -3.42 15.83 8.39
C LEU A 644 -3.61 17.33 8.21
N PRO A 645 -4.57 17.75 7.37
CA PRO A 645 -4.83 19.17 7.15
C PRO A 645 -5.20 19.91 8.43
N LYS A 646 -5.25 21.24 8.31
CA LYS A 646 -5.48 22.10 9.47
C LYS A 646 -6.88 21.90 10.04
N TYR A 647 -7.89 21.73 9.17
CA TYR A 647 -9.26 21.62 9.65
C TYR A 647 -9.57 20.28 10.30
N TYR A 648 -8.68 19.29 10.15
CA TYR A 648 -8.90 18.01 10.82
C TYR A 648 -8.83 18.16 12.33
N SER A 649 -7.90 18.98 12.82
CA SER A 649 -7.71 19.14 14.26
C SER A 649 -8.89 19.83 14.93
N THR A 650 -9.70 20.58 14.17
CA THR A 650 -10.86 21.26 14.73
C THR A 650 -12.16 20.49 14.50
N ALA A 651 -12.23 19.66 13.47
CA ALA A 651 -13.44 18.90 13.21
C ALA A 651 -13.66 17.85 14.29
N GLU A 652 -14.93 17.65 14.66
CA GLU A 652 -15.25 16.70 15.71
C GLU A 652 -14.97 15.26 15.27
N GLN A 653 -15.25 14.94 14.01
CA GLN A 653 -15.05 13.58 13.52
C GLN A 653 -13.60 13.24 13.27
N TYR A 654 -12.70 14.21 13.29
CA TYR A 654 -11.29 13.98 13.01
C TYR A 654 -10.36 14.28 14.18
N LYS A 655 -10.72 15.21 15.07
CA LYS A 655 -9.78 15.70 16.06
C LYS A 655 -9.45 14.65 17.11
N ASN A 656 -10.37 13.71 17.37
CA ASN A 656 -10.16 12.74 18.43
C ASN A 656 -9.03 11.77 18.09
N GLY A 657 -8.89 11.43 16.81
CA GLY A 657 -7.89 10.46 16.41
C GLY A 657 -8.51 9.13 16.04
N ILE A 658 -7.80 8.04 16.24
CA ILE A 658 -8.29 6.71 15.93
C ILE A 658 -8.00 5.80 17.11
N SER A 659 -9.02 5.07 17.57
CA SER A 659 -8.82 4.03 18.57
C SER A 659 -9.98 3.04 18.41
N GLN A 660 -9.72 1.94 17.72
CA GLN A 660 -10.77 0.95 17.49
C GLN A 660 -10.28 -0.44 17.86
N VAL A 661 -11.19 -1.23 18.41
CA VAL A 661 -10.98 -2.65 18.69
C VAL A 661 -11.92 -3.42 17.79
N GLY A 662 -11.38 -4.38 17.05
CA GLY A 662 -12.17 -5.18 16.12
C GLY A 662 -12.05 -6.66 16.42
N ALA A 663 -13.16 -7.37 16.28
CA ALA A 663 -13.22 -8.81 16.49
C ALA A 663 -13.92 -9.44 15.30
N VAL A 664 -13.33 -10.51 14.76
CA VAL A 664 -13.91 -11.24 13.65
C VAL A 664 -13.93 -12.72 14.01
N ALA A 665 -15.07 -13.37 13.76
CA ALA A 665 -15.22 -14.78 14.08
C ALA A 665 -15.92 -15.49 12.93
N SER A 666 -15.56 -16.75 12.73
CA SER A 666 -16.24 -17.59 11.75
C SER A 666 -16.18 -19.03 12.21
N ARG A 667 -17.34 -19.70 12.16
CA ARG A 667 -17.51 -21.08 12.61
C ARG A 667 -18.54 -21.82 11.76
N PRO A 668 -18.16 -22.92 11.12
CA PRO A 668 -19.14 -23.76 10.43
C PRO A 668 -20.01 -24.52 11.43
N ILE A 669 -21.17 -24.95 10.94
CA ILE A 669 -22.12 -25.73 11.74
C ILE A 669 -22.60 -26.89 10.88
N ALA A 670 -22.25 -28.12 11.28
CA ALA A 670 -22.73 -29.34 10.63
C ALA A 670 -22.30 -29.42 9.17
N ASP A 671 -21.13 -28.85 8.87
CA ASP A 671 -20.47 -28.70 7.54
C ASP A 671 -21.45 -28.47 6.39
N ARG A 672 -22.47 -27.64 6.62
CA ARG A 672 -23.32 -27.15 5.54
C ARG A 672 -23.55 -25.65 5.74
N TRP A 673 -23.50 -25.21 6.99
CA TRP A 673 -23.65 -23.81 7.37
C TRP A 673 -22.28 -23.17 7.57
N SER A 674 -22.29 -21.84 7.68
CA SER A 674 -21.06 -21.09 7.96
C SER A 674 -21.47 -19.77 8.59
N ILE A 675 -21.28 -19.66 9.89
CA ILE A 675 -21.67 -18.47 10.63
C ILE A 675 -20.48 -17.53 10.72
N VAL A 676 -20.69 -16.27 10.36
CA VAL A 676 -19.63 -15.28 10.29
C VAL A 676 -20.10 -14.00 10.99
N GLY A 677 -19.22 -13.39 11.77
CA GLY A 677 -19.55 -12.15 12.44
C GLY A 677 -18.32 -11.28 12.59
N ALA A 678 -18.58 -9.97 12.69
CA ALA A 678 -17.52 -8.98 12.88
C ALA A 678 -18.08 -7.79 13.63
N TYR A 679 -17.26 -7.22 14.50
CA TYR A 679 -17.66 -6.07 15.30
C TYR A 679 -16.48 -5.14 15.52
N TYR A 680 -16.66 -3.86 15.22
CA TYR A 680 -15.62 -2.86 15.40
C TYR A 680 -16.16 -1.75 16.28
N TYR A 681 -15.39 -1.39 17.31
CA TYR A 681 -15.85 -0.47 18.34
C TYR A 681 -14.80 0.61 18.55
N ASP A 682 -15.23 1.87 18.46
CA ASP A 682 -14.36 3.02 18.68
C ASP A 682 -14.46 3.43 20.14
N THR A 683 -13.34 3.29 20.86
CA THR A 683 -13.32 3.53 22.30
C THR A 683 -13.28 5.02 22.65
N ASN A 684 -12.86 5.88 21.73
CA ASN A 684 -12.87 7.31 22.00
C ASN A 684 -14.30 7.82 22.15
N ALA A 685 -15.16 7.50 21.19
CA ALA A 685 -16.57 7.86 21.27
C ALA A 685 -17.42 6.80 21.94
N ASN A 686 -16.85 5.64 22.24
CA ASN A 686 -17.61 4.52 22.80
C ASN A 686 -18.76 4.11 21.88
N LYS A 687 -18.49 4.05 20.58
CA LYS A 687 -19.54 3.85 19.60
C LYS A 687 -19.17 2.75 18.62
N GLN A 688 -20.18 2.03 18.16
CA GLN A 688 -20.00 1.07 17.07
C GLN A 688 -19.55 1.77 15.80
N ALA A 689 -18.68 1.12 15.04
CA ALA A 689 -18.24 1.63 13.75
C ALA A 689 -18.67 0.75 12.59
N ASP A 690 -18.64 -0.57 12.77
CA ASP A 690 -19.04 -1.51 11.73
C ASP A 690 -19.27 -2.86 12.38
N SER A 691 -20.37 -3.51 12.01
CA SER A 691 -20.63 -4.88 12.45
C SER A 691 -21.43 -5.60 11.38
N MET A 692 -21.28 -6.92 11.33
CA MET A 692 -21.98 -7.69 10.32
C MET A 692 -22.20 -9.11 10.81
N LEU A 693 -23.20 -9.76 10.23
CA LEU A 693 -23.49 -11.17 10.45
C LEU A 693 -23.75 -11.82 9.10
N GLY A 694 -23.36 -13.09 9.00
CA GLY A 694 -23.54 -13.81 7.76
C GLY A 694 -23.84 -15.27 8.02
N VAL A 695 -24.87 -15.78 7.35
CA VAL A 695 -25.24 -17.18 7.44
C VAL A 695 -25.45 -17.71 6.02
N GLN A 696 -24.71 -18.74 5.65
CA GLN A 696 -24.82 -19.33 4.33
C GLN A 696 -25.00 -20.83 4.44
N TYR A 697 -26.00 -21.35 3.72
CA TYR A 697 -26.24 -22.79 3.60
C TYR A 697 -25.84 -23.20 2.19
N SER A 698 -24.81 -24.03 2.10
CA SER A 698 -24.29 -24.50 0.81
C SER A 698 -24.77 -25.93 0.58
N SER A 699 -25.57 -26.12 -0.45
CA SER A 699 -26.06 -27.42 -0.85
C SER A 699 -25.15 -27.99 -1.95
N CYS A 700 -25.58 -29.09 -2.57
CA CYS A 700 -24.80 -29.69 -3.63
C CYS A 700 -24.74 -28.78 -4.86
N CYS A 701 -25.85 -28.11 -5.18
CA CYS A 701 -25.92 -27.26 -6.36
C CYS A 701 -26.19 -25.80 -6.06
N TYR A 702 -27.00 -25.49 -5.05
CA TYR A 702 -27.36 -24.11 -4.73
C TYR A 702 -26.81 -23.73 -3.36
N ALA A 703 -26.52 -22.45 -3.19
CA ALA A 703 -26.01 -21.90 -1.94
C ALA A 703 -26.77 -20.64 -1.62
N ILE A 704 -27.46 -20.63 -0.48
CA ILE A 704 -28.25 -19.48 -0.04
C ILE A 704 -27.45 -18.71 1.01
N ARG A 705 -27.54 -17.39 0.95
CA ARG A 705 -26.76 -16.53 1.83
C ARG A 705 -27.61 -15.40 2.36
N VAL A 706 -27.45 -15.09 3.65
CA VAL A 706 -28.12 -13.98 4.30
C VAL A 706 -27.09 -13.17 5.07
N GLY A 707 -27.04 -11.87 4.80
CA GLY A 707 -26.05 -11.00 5.42
C GLY A 707 -26.68 -9.73 5.96
N TYR A 708 -26.14 -9.30 7.09
CA TYR A 708 -26.54 -8.05 7.75
C TYR A 708 -25.28 -7.25 8.00
N GLU A 709 -25.36 -5.94 7.84
CA GLU A 709 -24.26 -5.06 8.17
C GLU A 709 -24.80 -3.71 8.61
N ARG A 710 -24.28 -3.20 9.72
CA ARG A 710 -24.49 -1.81 10.11
C ARG A 710 -23.14 -1.12 10.16
N LYS A 711 -23.02 0.00 9.46
CA LYS A 711 -21.74 0.67 9.28
C LYS A 711 -21.92 2.16 9.46
N LEU A 712 -20.83 2.84 9.80
CA LEU A 712 -20.83 4.29 9.72
C LEU A 712 -20.95 4.71 8.25
N ASN A 713 -21.90 5.59 7.97
CA ASN A 713 -22.17 5.99 6.60
C ASN A 713 -21.87 7.45 6.31
N GLY A 714 -22.06 8.33 7.28
CA GLY A 714 -21.77 9.74 7.03
C GLY A 714 -21.74 10.52 8.31
N TRP A 715 -21.62 11.84 8.17
CA TRP A 715 -21.60 12.76 9.30
C TRP A 715 -22.67 13.82 9.10
N ASP A 716 -23.63 13.86 10.01
CA ASP A 716 -24.65 14.89 10.02
C ASP A 716 -24.12 16.06 10.83
N ASN A 717 -23.73 17.13 10.13
CA ASN A 717 -23.19 18.33 10.76
C ASN A 717 -24.25 19.33 11.20
N ASP A 718 -25.51 19.12 10.83
CA ASP A 718 -26.57 19.92 11.41
C ASP A 718 -26.69 19.66 12.91
N LYS A 719 -26.54 18.40 13.32
CA LYS A 719 -26.59 18.04 14.72
C LYS A 719 -25.24 17.59 15.28
N GLN A 720 -24.21 17.47 14.44
CA GLN A 720 -22.89 17.04 14.88
C GLN A 720 -22.90 15.62 15.45
N HIS A 721 -23.36 14.68 14.64
CA HIS A 721 -23.24 13.28 14.99
C HIS A 721 -23.03 12.45 13.73
N ALA A 722 -23.03 11.13 13.89
CA ALA A 722 -22.77 10.22 12.79
C ALA A 722 -24.06 9.58 12.32
N VAL A 723 -24.11 9.26 11.03
CA VAL A 723 -25.26 8.64 10.39
C VAL A 723 -24.86 7.24 9.96
N TYR A 724 -25.61 6.24 10.44
CA TYR A 724 -25.34 4.85 10.19
C TYR A 724 -26.21 4.33 9.04
N ASP A 725 -26.07 3.04 8.76
CA ASP A 725 -26.84 2.42 7.69
C ASP A 725 -26.95 0.92 7.96
N ASN A 726 -28.15 0.38 7.79
CA ASN A 726 -28.42 -1.03 7.99
C ASN A 726 -28.80 -1.67 6.66
N ALA A 727 -28.42 -2.93 6.48
CA ALA A 727 -28.69 -3.64 5.23
C ALA A 727 -28.80 -5.13 5.51
N ILE A 728 -29.97 -5.70 5.24
CA ILE A 728 -30.21 -7.14 5.32
C ILE A 728 -30.70 -7.61 3.96
N GLY A 729 -30.00 -8.59 3.40
CA GLY A 729 -30.32 -9.05 2.06
C GLY A 729 -29.96 -10.51 1.87
N PHE A 730 -30.63 -11.14 0.92
CA PHE A 730 -30.36 -12.53 0.58
C PHE A 730 -30.05 -12.64 -0.91
N ASN A 731 -29.04 -13.44 -1.24
CA ASN A 731 -28.69 -13.78 -2.60
C ASN A 731 -28.52 -15.29 -2.73
N ILE A 732 -28.74 -15.79 -3.94
CA ILE A 732 -28.69 -17.22 -4.23
C ILE A 732 -27.70 -17.44 -5.37
N GLU A 733 -26.94 -18.52 -5.29
CA GLU A 733 -26.01 -18.89 -6.34
C GLU A 733 -26.24 -20.35 -6.73
N LEU A 734 -25.85 -20.69 -7.95
CA LEU A 734 -26.05 -22.05 -8.45
C LEU A 734 -24.73 -22.76 -8.70
N GLY A 742 -16.98 -24.88 -1.72
CA GLY A 742 -16.66 -24.49 -0.36
C GLY A 742 -17.85 -23.91 0.38
N LEU A 743 -17.65 -23.53 1.64
CA LEU A 743 -18.70 -22.98 2.47
C LEU A 743 -18.76 -21.46 2.40
N GLY A 744 -17.89 -20.83 1.61
CA GLY A 744 -18.01 -19.40 1.33
C GLY A 744 -17.79 -18.47 2.49
N THR A 745 -16.91 -18.82 3.42
CA THR A 745 -16.62 -17.90 4.52
C THR A 745 -15.82 -16.69 4.07
N GLN A 746 -14.90 -16.89 3.12
CA GLN A 746 -13.93 -15.85 2.81
C GLN A 746 -14.58 -14.64 2.13
N GLU A 747 -15.52 -14.87 1.22
CA GLU A 747 -16.16 -13.72 0.57
C GLU A 747 -17.16 -13.06 1.52
N MET A 748 -17.70 -13.81 2.47
CA MET A 748 -18.53 -13.19 3.50
C MET A 748 -17.70 -12.28 4.40
N LEU A 749 -16.46 -12.68 4.69
CA LEU A 749 -15.58 -11.84 5.49
C LEU A 749 -15.17 -10.55 4.79
N ARG A 750 -15.29 -10.50 3.47
CA ARG A 750 -14.87 -9.34 2.68
C ARG A 750 -16.01 -8.41 2.35
N SER A 751 -17.19 -8.63 2.90
CA SER A 751 -18.40 -7.92 2.47
C SER A 751 -18.64 -6.62 3.22
N ASN A 752 -17.82 -6.28 4.21
CA ASN A 752 -18.02 -5.07 4.99
C ASN A 752 -16.98 -4.00 4.65
N ILE A 753 -17.14 -2.82 5.24
CA ILE A 753 -16.25 -1.70 4.96
C ILE A 753 -14.87 -1.87 5.57
N LEU A 754 -14.72 -2.79 6.53
CA LEU A 754 -13.45 -3.07 7.18
C LEU A 754 -13.19 -4.56 6.97
N PRO A 755 -12.73 -4.94 5.78
CA PRO A 755 -12.67 -6.37 5.44
C PRO A 755 -11.62 -7.11 6.24
N TYR A 756 -11.89 -8.40 6.46
CA TYR A 756 -10.97 -9.24 7.19
C TYR A 756 -9.70 -9.46 6.38
N GLN A 757 -8.57 -9.56 7.07
CA GLN A 757 -7.29 -9.84 6.45
C GLN A 757 -6.60 -10.97 7.21
N ASN A 758 -6.00 -11.89 6.49
CA ASN A 758 -5.37 -13.04 7.12
C ASN A 758 -4.14 -12.60 7.88
N THR A 759 -4.03 -13.06 9.14
CA THR A 759 -2.90 -12.73 10.00
C THR A 759 -2.03 -13.94 10.28
N LEU A 760 -2.56 -15.16 10.12
CA LEU A 760 -1.84 -16.42 10.32
C LEU A 760 -1.45 -16.60 11.78
N ALA B 1 14.83 30.88 -4.73
CA ALA B 1 15.35 29.93 -3.76
C ALA B 1 16.86 30.09 -3.59
N CYS B 2 17.53 30.46 -4.68
CA CYS B 2 18.98 30.63 -4.65
C CYS B 2 19.34 31.83 -3.77
N LYS B 3 20.45 31.70 -3.04
CA LYS B 3 20.90 32.74 -2.14
C LYS B 3 21.63 33.82 -2.93
N LYS B 4 22.31 34.72 -2.22
CA LYS B 4 23.01 35.82 -2.87
C LYS B 4 24.38 35.37 -3.37
N GLY B 5 25.23 34.89 -2.47
CA GLY B 5 26.57 34.48 -2.83
C GLY B 5 26.73 32.99 -3.02
N CYS B 6 25.69 32.34 -3.54
CA CYS B 6 25.75 30.90 -3.77
C CYS B 6 26.76 30.58 -4.87
N ASP B 7 27.34 29.40 -4.78
CA ASP B 7 28.30 28.92 -5.76
C ASP B 7 27.87 27.54 -6.23
N TRP B 8 28.08 27.27 -7.52
CA TRP B 8 27.74 25.97 -8.08
C TRP B 8 28.83 24.93 -7.86
N LEU B 9 29.93 25.30 -7.23
CA LEU B 9 30.94 24.35 -6.81
C LEU B 9 30.79 23.92 -5.36
N PHE B 10 29.77 24.41 -4.65
CA PHE B 10 29.61 24.16 -3.23
C PHE B 10 28.33 23.40 -2.94
N LEU B 11 28.08 22.31 -3.67
CA LEU B 11 26.83 21.56 -3.49
C LEU B 11 26.74 20.94 -2.11
N TRP B 12 27.86 20.45 -1.58
CA TRP B 12 27.82 19.70 -0.33
C TRP B 12 27.49 20.58 0.87
N HIS B 13 27.69 21.89 0.78
CA HIS B 13 27.34 22.77 1.88
C HIS B 13 25.87 23.14 1.82
N ASP B 14 25.39 23.77 2.90
CA ASP B 14 23.99 24.16 3.01
C ASP B 14 23.74 25.38 2.15
N ASP B 15 22.72 25.30 1.30
CA ASP B 15 22.34 26.38 0.38
C ASP B 15 23.45 26.70 -0.63
N CYS B 16 24.29 25.72 -0.93
CA CYS B 16 25.34 25.84 -1.94
C CYS B 16 26.35 26.94 -1.61
N ALA B 17 26.24 27.51 -0.45
CA ALA B 17 27.16 28.53 0.05
C ALA B 17 27.98 28.01 1.22
N NH2 B 18 28.07 26.67 1.89
N CYS C 1 28.06 -14.86 27.33
CA CYS C 1 27.52 -14.62 26.01
C CYS C 1 27.91 -15.73 25.04
N GLY C 2 26.93 -16.53 24.64
CA GLY C 2 27.15 -17.60 23.68
C GLY C 2 27.07 -17.17 22.24
N TRP C 3 26.96 -15.87 21.98
CA TRP C 3 26.82 -15.38 20.62
C TRP C 3 28.12 -15.57 19.84
N HIS C 4 27.98 -15.61 18.52
CA HIS C 4 29.12 -15.67 17.62
C HIS C 4 28.67 -15.15 16.26
N LEU C 5 29.65 -14.75 15.46
CA LEU C 5 29.36 -14.29 14.11
C LEU C 5 28.83 -15.45 13.28
N ARG C 6 27.93 -15.13 12.35
CA ARG C 6 27.34 -16.15 11.50
C ARG C 6 28.40 -16.74 10.58
N ASP C 7 28.45 -18.06 10.52
CA ASP C 7 29.44 -18.76 9.70
C ASP C 7 28.86 -19.34 8.42
N THR C 8 27.55 -19.55 8.35
CA THR C 8 26.91 -20.11 7.18
C THR C 8 26.26 -19.02 6.34
N THR C 9 26.31 -19.19 5.02
CA THR C 9 25.72 -18.24 4.11
C THR C 9 24.20 -18.23 4.28
N GLN C 10 23.59 -17.07 4.02
CA GLN C 10 22.13 -16.95 4.08
C GLN C 10 21.46 -17.88 3.09
N VAL C 11 21.97 -17.95 1.86
CA VAL C 11 21.51 -18.94 0.89
C VAL C 11 22.40 -20.18 1.04
N PRO C 12 21.83 -21.37 1.03
CA PRO C 12 22.64 -22.59 1.24
C PRO C 12 23.60 -22.83 0.09
N SER C 13 24.65 -23.59 0.40
CA SER C 13 25.69 -23.87 -0.59
C SER C 13 25.15 -24.71 -1.75
N THR C 14 24.12 -25.52 -1.51
CA THR C 14 23.53 -26.31 -2.58
C THR C 14 22.90 -25.41 -3.64
N MET C 15 22.25 -24.33 -3.22
CA MET C 15 21.60 -23.39 -4.12
C MET C 15 22.48 -22.18 -4.44
N LYS C 16 23.80 -22.37 -4.48
CA LYS C 16 24.70 -21.28 -4.84
C LYS C 16 24.47 -20.84 -6.29
N VAL C 17 24.32 -21.79 -7.21
CA VAL C 17 24.01 -21.50 -8.60
C VAL C 17 22.62 -22.08 -8.88
N MET C 18 21.77 -21.29 -9.51
CA MET C 18 20.37 -21.66 -9.63
C MET C 18 19.72 -20.88 -10.77
N ILE C 19 18.51 -21.31 -11.14
CA ILE C 19 17.77 -20.75 -12.26
C ILE C 19 16.58 -19.97 -11.72
N LEU C 20 16.41 -18.74 -12.19
CA LEU C 20 15.25 -17.93 -11.87
C LEU C 20 14.27 -18.03 -13.03
N ASP C 21 13.08 -18.54 -12.75
CA ASP C 21 12.03 -18.73 -13.75
C ASP C 21 10.78 -18.03 -13.28
N SER C 22 10.09 -17.37 -14.21
CA SER C 22 8.84 -16.68 -13.88
C SER C 22 8.18 -16.25 -15.19
N GLY C 23 6.86 -16.16 -15.15
CA GLY C 23 6.11 -15.70 -16.30
C GLY C 23 6.18 -14.21 -16.56
N ASP C 24 6.64 -13.45 -15.57
CA ASP C 24 6.84 -12.00 -15.70
C ASP C 24 8.23 -11.66 -15.20
N PRO C 25 9.27 -11.94 -16.00
CA PRO C 25 10.64 -11.71 -15.52
C PRO C 25 11.16 -10.30 -15.72
N ASN C 26 10.38 -9.39 -16.32
CA ASN C 26 10.72 -7.98 -16.36
C ASN C 26 9.94 -7.18 -15.33
N GLY C 27 9.11 -7.83 -14.54
CA GLY C 27 8.29 -7.16 -13.55
C GLY C 27 9.10 -6.71 -12.35
N PRO C 28 8.47 -5.93 -11.47
CA PRO C 28 9.18 -5.45 -10.27
C PRO C 28 9.62 -6.57 -9.33
N LEU C 29 8.78 -7.59 -9.14
CA LEU C 29 9.13 -8.65 -8.20
C LEU C 29 10.30 -9.48 -8.70
N SER C 30 10.32 -9.79 -9.99
CA SER C 30 11.44 -10.54 -10.56
C SER C 30 12.74 -9.75 -10.45
N ARG C 31 12.67 -8.44 -10.67
CA ARG C 31 13.84 -7.59 -10.51
C ARG C 31 14.32 -7.58 -9.06
N ALA C 32 13.40 -7.52 -8.11
CA ALA C 32 13.78 -7.51 -6.69
C ALA C 32 14.41 -8.83 -6.28
N VAL C 33 13.84 -9.95 -6.71
CA VAL C 33 14.41 -11.26 -6.36
C VAL C 33 15.76 -11.44 -7.04
N ARG C 34 15.91 -10.97 -8.28
CA ARG C 34 17.20 -11.07 -8.96
C ARG C 34 18.26 -10.23 -8.24
N ASN C 35 17.88 -9.03 -7.78
CA ASN C 35 18.81 -8.18 -7.05
C ASN C 35 19.22 -8.84 -5.73
N GLN C 36 18.26 -9.40 -5.00
CA GLN C 36 18.60 -10.08 -3.74
C GLN C 36 19.48 -11.30 -3.99
N LEU C 37 19.17 -12.10 -5.01
CA LEU C 37 19.96 -13.28 -5.29
C LEU C 37 21.37 -12.92 -5.71
N ARG C 38 21.53 -11.86 -6.50
CA ARG C 38 22.87 -11.38 -6.84
C ARG C 38 23.58 -10.81 -5.62
N LEU C 39 22.82 -10.32 -4.63
CA LEU C 39 23.43 -9.77 -3.42
C LEU C 39 24.18 -10.84 -2.63
N ASN C 40 23.59 -12.02 -2.49
CA ASN C 40 24.21 -13.11 -1.74
C ASN C 40 25.12 -13.98 -2.60
N GLY C 41 25.61 -13.47 -3.73
CA GLY C 41 26.55 -14.24 -4.53
C GLY C 41 25.96 -15.44 -5.23
N VAL C 42 24.66 -15.43 -5.51
CA VAL C 42 24.01 -16.53 -6.22
C VAL C 42 24.18 -16.31 -7.72
N GLU C 43 24.59 -17.35 -8.43
CA GLU C 43 24.76 -17.29 -9.88
C GLU C 43 23.45 -17.68 -10.55
N LEU C 44 22.85 -16.72 -11.26
CA LEU C 44 21.58 -16.93 -11.93
C LEU C 44 21.81 -17.43 -13.35
N LEU C 45 21.15 -18.51 -13.71
CA LEU C 45 21.26 -19.11 -15.02
C LEU C 45 20.01 -18.85 -15.85
N ASP C 46 20.12 -19.12 -17.14
CA ASP C 46 19.03 -18.92 -18.08
C ASP C 46 18.08 -20.12 -18.03
N LYS C 47 16.82 -19.88 -18.40
CA LYS C 47 15.80 -20.93 -18.33
C LYS C 47 16.10 -22.06 -19.30
N GLU C 48 16.49 -21.74 -20.53
CA GLU C 48 16.77 -22.74 -21.54
C GLU C 48 18.23 -23.17 -21.57
N THR C 49 18.94 -23.00 -20.46
CA THR C 49 20.32 -23.44 -20.39
C THR C 49 20.42 -24.95 -20.46
N THR C 50 21.53 -25.44 -21.02
CA THR C 50 21.78 -26.88 -21.09
C THR C 50 22.23 -27.46 -19.75
N ARG C 51 22.53 -26.62 -18.77
CA ARG C 51 22.99 -27.08 -17.47
C ARG C 51 21.79 -27.57 -16.67
N LYS C 52 21.71 -28.88 -16.46
CA LYS C 52 20.63 -29.49 -15.71
C LYS C 52 21.09 -29.54 -14.24
N ASP C 53 20.35 -30.30 -13.40
CA ASP C 53 20.57 -30.59 -11.96
C ASP C 53 21.09 -29.39 -11.17
N VAL C 54 20.38 -28.26 -11.28
CA VAL C 54 20.58 -27.10 -10.44
C VAL C 54 19.20 -26.70 -9.90
N PRO C 55 19.12 -26.16 -8.68
CA PRO C 55 17.82 -25.74 -8.15
C PRO C 55 17.21 -24.62 -8.98
N SER C 56 15.89 -24.65 -9.12
CA SER C 56 15.17 -23.68 -9.94
C SER C 56 14.13 -22.96 -9.10
N LEU C 57 14.14 -21.63 -9.14
CA LEU C 57 13.16 -20.83 -8.41
C LEU C 57 12.13 -20.31 -9.40
N ARG C 58 10.89 -20.77 -9.25
CA ARG C 58 9.77 -20.33 -10.10
C ARG C 58 8.88 -19.41 -9.29
N LEU C 59 8.77 -18.17 -9.73
CA LEU C 59 7.93 -17.20 -9.04
C LEU C 59 6.49 -17.32 -9.53
N GLY C 60 5.56 -17.42 -8.58
CA GLY C 60 4.16 -17.64 -8.92
C GLY C 60 3.31 -16.40 -8.84
N LYS C 61 2.08 -16.56 -8.37
CA LYS C 61 1.14 -15.44 -8.31
C LYS C 61 1.57 -14.41 -7.29
N VAL C 62 1.41 -13.13 -7.64
CA VAL C 62 1.70 -12.01 -6.77
C VAL C 62 0.46 -11.14 -6.70
N SER C 63 -0.05 -10.92 -5.50
CA SER C 63 -1.26 -10.11 -5.35
C SER C 63 -1.08 -9.05 -4.29
N ILE C 64 -1.49 -7.83 -4.60
CA ILE C 64 -1.44 -6.69 -3.70
C ILE C 64 -2.86 -6.24 -3.42
N ALA C 65 -3.20 -6.10 -2.14
CA ALA C 65 -4.54 -5.71 -1.73
C ALA C 65 -4.45 -4.50 -0.83
N LYS C 66 -5.17 -3.43 -1.21
CA LYS C 66 -5.26 -2.22 -0.41
C LYS C 66 -6.69 -2.12 0.12
N ASP C 67 -6.83 -2.25 1.44
CA ASP C 67 -8.14 -2.14 2.07
C ASP C 67 -8.12 -1.10 3.18
N THR C 68 -9.26 -0.94 3.84
CA THR C 68 -9.41 0.04 4.91
C THR C 68 -9.20 -0.66 6.26
N ALA C 69 -8.22 -0.19 7.02
CA ALA C 69 -7.94 -0.72 8.35
C ALA C 69 -8.68 0.04 9.43
N SER C 70 -8.85 1.35 9.27
CA SER C 70 -9.53 2.15 10.27
C SER C 70 -10.32 3.25 9.57
N VAL C 71 -11.33 3.76 10.29
CA VAL C 71 -12.21 4.80 9.76
C VAL C 71 -12.38 5.88 10.82
N PHE C 72 -12.71 7.08 10.36
CA PHE C 72 -12.93 8.21 11.25
C PHE C 72 -14.34 8.13 11.84
N ARG C 73 -14.76 9.19 12.51
CA ARG C 73 -16.10 9.21 13.09
C ARG C 73 -17.19 9.38 12.03
N ASN C 74 -16.82 9.82 10.84
CA ASN C 74 -17.79 10.00 9.75
C ASN C 74 -17.86 8.81 8.82
N GLY C 75 -17.11 7.75 9.09
CA GLY C 75 -17.11 6.57 8.25
C GLY C 75 -16.09 6.59 7.14
N GLN C 76 -15.39 7.70 6.92
CA GLN C 76 -14.37 7.75 5.89
C GLN C 76 -13.13 7.00 6.33
N THR C 77 -12.37 6.54 5.35
CA THR C 77 -11.16 5.77 5.64
C THR C 77 -10.10 6.64 6.26
N ALA C 78 -9.36 6.07 7.22
CA ALA C 78 -8.23 6.73 7.85
C ALA C 78 -6.92 6.02 7.57
N GLU C 79 -6.86 4.71 7.81
CA GLU C 79 -5.69 3.90 7.49
C GLU C 79 -6.00 3.01 6.30
N TYR C 80 -5.12 3.03 5.32
CA TYR C 80 -5.16 2.07 4.21
C TYR C 80 -4.07 1.04 4.48
N GLN C 81 -4.45 -0.22 4.53
CA GLN C 81 -3.52 -1.32 4.75
C GLN C 81 -3.28 -2.03 3.43
N MET C 82 -2.01 -2.16 3.07
CA MET C 82 -1.59 -2.82 1.84
C MET C 82 -0.90 -4.12 2.20
N ILE C 83 -1.38 -5.22 1.63
CA ILE C 83 -0.84 -6.55 1.89
C ILE C 83 -0.38 -7.13 0.56
N MET C 84 0.88 -7.55 0.51
CA MET C 84 1.44 -8.19 -0.66
C MET C 84 1.70 -9.65 -0.33
N THR C 85 1.10 -10.56 -1.09
CA THR C 85 1.39 -11.97 -0.94
C THR C 85 1.98 -12.52 -2.23
N VAL C 86 3.02 -13.31 -2.08
CA VAL C 86 3.80 -13.85 -3.19
C VAL C 86 3.95 -15.34 -2.98
N ASN C 87 3.70 -16.12 -4.02
CA ASN C 87 3.89 -17.56 -3.99
C ASN C 87 5.01 -17.94 -4.95
N ALA C 88 5.76 -18.97 -4.60
CA ALA C 88 6.85 -19.43 -5.44
C ALA C 88 7.13 -20.89 -5.11
N THR C 89 7.90 -21.53 -5.98
CA THR C 89 8.32 -22.89 -5.77
C THR C 89 9.81 -23.01 -6.00
N VAL C 90 10.45 -23.89 -5.26
CA VAL C 90 11.86 -24.22 -5.43
C VAL C 90 11.92 -25.67 -5.86
N LEU C 91 12.34 -25.92 -7.09
CA LEU C 91 12.47 -27.26 -7.62
C LEU C 91 13.91 -27.72 -7.39
N ILE C 92 14.08 -28.67 -6.48
CA ILE C 92 15.33 -29.41 -6.34
C ILE C 92 15.27 -30.58 -7.32
N PRO C 93 16.19 -30.65 -8.29
CA PRO C 93 15.98 -31.51 -9.45
C PRO C 93 16.26 -32.98 -9.14
N GLY C 94 15.29 -33.83 -9.48
CA GLY C 94 15.36 -35.23 -9.13
C GLY C 94 14.91 -35.54 -7.72
N ARG C 95 14.61 -34.53 -6.91
CA ARG C 95 14.16 -34.75 -5.55
C ARG C 95 12.72 -34.31 -5.34
N ASP C 96 12.41 -33.02 -5.52
CA ASP C 96 11.07 -32.56 -5.17
C ASP C 96 10.93 -31.08 -5.47
N ILE C 97 9.67 -30.60 -5.43
CA ILE C 97 9.36 -29.18 -5.50
C ILE C 97 8.81 -28.75 -4.15
N TYR C 98 9.36 -27.67 -3.61
CA TYR C 98 8.97 -27.16 -2.30
C TYR C 98 8.31 -25.79 -2.47
N PRO C 99 7.06 -25.64 -2.06
CA PRO C 99 6.40 -24.32 -2.19
C PRO C 99 6.77 -23.41 -1.03
N ILE C 100 7.02 -22.14 -1.35
CA ILE C 100 7.30 -21.12 -0.36
C ILE C 100 6.45 -19.90 -0.68
N SER C 101 6.28 -19.04 0.32
CA SER C 101 5.46 -17.86 0.15
C SER C 101 5.97 -16.74 1.04
N ALA C 102 5.61 -15.52 0.69
CA ALA C 102 5.98 -14.33 1.43
C ALA C 102 4.75 -13.44 1.59
N LYS C 103 4.66 -12.77 2.73
CA LYS C 103 3.55 -11.87 3.03
C LYS C 103 4.09 -10.61 3.68
N VAL C 104 3.76 -9.46 3.11
CA VAL C 104 4.27 -8.17 3.55
C VAL C 104 3.10 -7.26 3.90
N PHE C 105 3.22 -6.57 5.02
CA PHE C 105 2.16 -5.71 5.56
C PHE C 105 2.65 -4.27 5.59
N ARG C 106 1.80 -3.35 5.16
CA ARG C 106 2.10 -1.92 5.22
C ARG C 106 0.81 -1.17 5.52
N SER C 107 0.97 0.06 6.01
CA SER C 107 -0.18 0.90 6.29
C SER C 107 0.20 2.36 6.08
N PHE C 108 -0.79 3.16 5.71
CA PHE C 108 -0.57 4.60 5.57
C PHE C 108 -1.90 5.33 5.67
N PHE C 109 -1.85 6.54 6.20
CA PHE C 109 -3.02 7.40 6.34
C PHE C 109 -3.35 8.10 5.02
N ASP C 110 -4.62 8.02 4.64
CA ASP C 110 -5.14 8.68 3.46
C ASP C 110 -5.26 10.17 3.70
N ASN C 111 -5.16 10.94 2.62
CA ASN C 111 -5.33 12.39 2.67
C ASN C 111 -5.83 12.82 1.30
N PRO C 112 -7.15 13.03 1.16
CA PRO C 112 -7.69 13.43 -0.14
C PRO C 112 -7.18 14.78 -0.62
N GLN C 113 -6.94 15.72 0.30
CA GLN C 113 -6.55 17.07 -0.06
C GLN C 113 -5.23 17.11 -0.81
N MET C 114 -4.34 16.17 -0.51
CA MET C 114 -3.11 15.97 -1.25
C MET C 114 -3.07 14.56 -1.83
N ALA C 115 -4.19 14.14 -2.42
CA ALA C 115 -4.40 12.74 -2.79
C ALA C 115 -3.37 12.25 -3.79
N LEU C 116 -3.03 13.10 -4.78
CA LEU C 116 -2.00 12.78 -5.76
C LEU C 116 -0.67 12.47 -5.07
N ALA C 117 -0.30 13.29 -4.09
CA ALA C 117 0.90 13.03 -3.31
C ALA C 117 0.81 11.69 -2.61
N LYS C 118 -0.36 11.39 -2.04
CA LYS C 118 -0.58 10.11 -1.38
C LYS C 118 -0.44 8.97 -2.38
N ASP C 119 -0.90 9.19 -3.62
CA ASP C 119 -0.76 8.19 -4.66
C ASP C 119 0.71 7.89 -4.92
N ASN C 120 1.54 8.94 -4.98
CA ASN C 120 2.97 8.74 -5.14
C ASN C 120 3.54 7.96 -3.97
N GLU C 121 3.07 8.28 -2.76
CA GLU C 121 3.49 7.55 -1.56
C GLU C 121 3.12 6.09 -1.66
N GLN C 122 1.91 5.82 -2.19
CA GLN C 122 1.46 4.44 -2.36
C GLN C 122 2.39 3.69 -3.30
N ASP C 123 2.81 4.35 -4.38
CA ASP C 123 3.73 3.72 -5.33
C ASP C 123 5.05 3.40 -4.66
N MET C 124 5.53 4.31 -3.81
CA MET C 124 6.78 4.09 -3.09
C MET C 124 6.66 2.87 -2.18
N ILE C 125 5.50 2.72 -1.54
CA ILE C 125 5.29 1.60 -0.63
C ILE C 125 5.35 0.29 -1.39
N VAL C 126 4.83 0.30 -2.63
CA VAL C 126 4.87 -0.91 -3.45
C VAL C 126 6.31 -1.27 -3.78
N LYS C 127 7.14 -0.27 -4.09
CA LYS C 127 8.54 -0.56 -4.38
C LYS C 127 9.30 -1.01 -3.14
N GLU C 128 8.77 -0.74 -1.94
CA GLU C 128 9.38 -1.33 -0.77
C GLU C 128 8.92 -2.76 -0.57
N MET C 129 7.64 -3.02 -0.84
CA MET C 129 7.03 -4.29 -0.45
C MET C 129 7.63 -5.46 -1.23
N TYR C 130 7.92 -5.24 -2.52
CA TYR C 130 8.61 -6.25 -3.32
C TYR C 130 9.95 -6.63 -2.71
N ASP C 131 10.69 -5.64 -2.19
CA ASP C 131 11.93 -5.94 -1.48
C ASP C 131 11.66 -6.78 -0.25
N ARG C 132 10.60 -6.46 0.49
CA ARG C 132 10.20 -7.29 1.61
C ARG C 132 9.77 -8.67 1.14
N ALA C 133 9.19 -8.76 -0.06
CA ALA C 133 8.89 -10.07 -0.61
C ALA C 133 10.17 -10.83 -0.96
N ALA C 134 11.20 -10.11 -1.41
CA ALA C 134 12.44 -10.78 -1.79
C ALA C 134 13.28 -11.19 -0.60
N GLU C 135 13.25 -10.40 0.48
CA GLU C 135 13.97 -10.74 1.69
C GLU C 135 13.39 -12.01 2.32
N GLN C 136 12.06 -12.10 2.37
CA GLN C 136 11.41 -13.24 3.01
C GLN C 136 11.64 -14.53 2.21
N LEU C 137 11.64 -14.42 0.88
CA LEU C 137 11.87 -15.60 0.05
C LEU C 137 13.29 -16.14 0.22
N ILE C 138 14.26 -15.24 0.39
CA ILE C 138 15.64 -15.69 0.56
C ILE C 138 15.82 -16.38 1.91
N ARG C 139 15.19 -15.87 2.97
CA ARG C 139 15.36 -16.49 4.28
C ARG C 139 14.69 -17.86 4.37
N LYS C 140 13.73 -18.16 3.50
CA LYS C 140 13.11 -19.49 3.50
C LYS C 140 13.90 -20.50 2.69
N LEU C 141 14.98 -20.08 2.03
CA LEU C 141 15.85 -21.02 1.33
C LEU C 141 16.49 -22.06 2.25
N PRO C 142 17.11 -21.72 3.38
CA PRO C 142 17.64 -22.79 4.25
C PRO C 142 16.56 -23.68 4.86
N SER C 143 15.32 -23.21 4.94
CA SER C 143 14.22 -24.08 5.34
C SER C 143 14.02 -25.20 4.33
N ILE C 144 14.10 -24.88 3.04
CA ILE C 144 13.97 -25.90 2.00
C ILE C 144 15.16 -26.84 2.03
N ARG C 145 16.36 -26.31 2.28
CA ARG C 145 17.55 -27.14 2.33
C ARG C 145 17.49 -28.14 3.47
N ALA C 146 16.99 -27.72 4.63
CA ALA C 146 16.82 -28.63 5.76
C ALA C 146 15.76 -29.69 5.46
N ALA C 147 14.68 -29.29 4.79
CA ALA C 147 13.61 -30.23 4.47
C ALA C 147 14.07 -31.27 3.46
N ASP C 148 15.05 -30.94 2.62
CA ASP C 148 15.56 -31.90 1.66
C ASP C 148 16.24 -33.08 2.35
N ILE C 149 17.00 -32.81 3.41
CA ILE C 149 17.67 -33.88 4.14
C ILE C 149 16.65 -34.77 4.84
N ARG C 150 15.55 -34.19 5.34
CA ARG C 150 14.55 -34.98 6.05
C ARG C 150 13.83 -35.96 5.11
N SER C 151 13.81 -35.69 3.81
CA SER C 151 13.23 -36.63 2.87
C SER C 151 14.00 -37.94 2.84
N ASP C 152 15.32 -37.89 2.99
CA ASP C 152 16.18 -39.06 2.96
C ASP C 152 16.11 -39.79 1.62
C1B LMT D . -2.90 5.70 24.91
C2B LMT D . -2.12 6.99 25.24
C3B LMT D . -2.31 7.35 26.72
C4B LMT D . -3.80 7.60 27.01
C5B LMT D . -4.61 6.45 26.37
C6B LMT D . -5.45 6.98 25.21
O1B LMT D . -2.00 4.67 24.76
O2B LMT D . -0.80 6.72 24.97
O3B LMT D . -1.51 8.40 27.09
O4' LMT D . -4.03 7.61 28.37
O5B LMT D . -3.78 5.39 25.94
O6B LMT D . -6.23 5.97 24.71
C1' LMT D . -1.55 1.14 22.76
C2' LMT D . -0.73 2.30 22.18
C3' LMT D . -0.70 3.46 23.19
C4' LMT D . -2.12 3.84 23.63
C5' LMT D . -2.79 2.52 24.07
C6' LMT D . -4.16 2.66 24.67
O1' LMT D . -1.66 0.13 21.84
O2' LMT D . 0.54 1.86 21.99
O3' LMT D . -0.09 4.55 22.65
O5' LMT D . -2.85 1.62 23.00
O6' LMT D . -4.93 3.23 23.69
C1 LMT D . -1.50 -1.15 22.38
C2 LMT D . -1.22 -2.02 21.19
C3 LMT D . 0.08 -1.78 20.49
C4 LMT D . 1.13 -2.58 21.22
C5 LMT D . 2.32 -2.76 20.34
C6 LMT D . 3.05 -4.02 20.65
C7 LMT D . 3.88 -4.41 19.47
C8 LMT D . 4.97 -3.41 19.29
C9 LMT D . 6.00 -3.44 20.36
C10 LMT D . 7.03 -4.45 19.94
C11 LMT D . 8.28 -3.78 19.46
C12 LMT D . 9.08 -3.22 20.58
C1B LMT E . -10.87 7.45 28.24
C2B LMT E . -11.42 8.61 27.42
C3B LMT E . -11.99 9.71 28.34
C4B LMT E . -10.91 10.18 29.35
C5B LMT E . -10.24 8.92 29.94
C6B LMT E . -10.13 9.07 31.46
O1B LMT E . -9.56 7.21 27.85
O2B LMT E . -10.40 9.10 26.65
O3B LMT E . -13.14 9.31 28.96
O4' LMT E . -9.96 10.96 28.73
O5B LMT E . -10.92 7.75 29.60
O6B LMT E . -10.60 7.93 32.07
C1' LMT E . -10.07 3.23 26.91
C2' LMT E . -9.76 3.51 28.39
C3' LMT E . -9.88 5.03 28.73
C4' LMT E . -9.16 5.88 27.68
C5' LMT E . -9.72 5.40 26.33
C6' LMT E . -9.35 6.27 25.16
O1' LMT E . -9.73 1.95 26.59
O2' LMT E . -10.67 2.82 29.15
O3' LMT E . -9.37 5.28 29.97
O5' LMT E . -9.30 4.09 26.09
O6' LMT E . -8.35 5.62 24.49
C1 LMT E . -9.01 1.79 25.39
C2 LMT E . -7.93 0.82 25.72
C3 LMT E . -7.17 0.27 24.56
C4 LMT E . -8.14 -0.52 23.72
C5 LMT E . -8.35 -1.88 24.27
C6 LMT E . -7.09 -2.68 24.27
C7 LMT E . -6.96 -3.41 22.96
C8 LMT E . -5.68 -4.16 22.96
C9 LMT E . -5.42 -4.95 21.72
C10 LMT E . -6.47 -6.03 21.65
C11 LMT E . -6.22 -6.95 20.51
C12 LMT E . -4.90 -7.63 20.62
C1B LMT F . -3.97 -31.54 18.75
C2B LMT F . -4.37 -33.01 18.93
C3B LMT F . -3.57 -33.91 17.96
C4B LMT F . -2.93 -33.04 16.85
C5B LMT F . -2.00 -32.01 17.53
C6B LMT F . -1.59 -30.95 16.51
O1B LMT F . -4.46 -30.81 19.83
O2B LMT F . -4.11 -33.35 20.22
O3B LMT F . -4.34 -34.92 17.45
O4' LMT F . -2.19 -33.82 15.99
O5B LMT F . -2.58 -31.41 18.66
O6B LMT F . -1.99 -29.71 16.94
C1' LMT F . -4.48 -28.87 22.49
C2' LMT F . -5.82 -29.21 21.83
C3' LMT F . -5.75 -28.87 20.31
C4' LMT F . -4.45 -29.40 19.70
C5' LMT F . -3.28 -28.87 20.56
C6' LMT F . -2.23 -28.14 19.79
O1' LMT F . -4.68 -28.14 23.63
O2' LMT F . -6.04 -30.55 21.95
O3' LMT F . -5.84 -27.52 20.12
O5' LMT F . -3.76 -28.05 21.60
O6' LMT F . -2.53 -28.31 18.47
C1 LMT F . -5.31 -26.90 23.41
C2 LMT F . -4.40 -25.90 24.06
C3 LMT F . -3.06 -25.72 23.43
C4 LMT F . -3.28 -25.08 22.08
C5 LMT F . -1.98 -24.83 21.40
C6 LMT F . -0.94 -24.36 22.35
C7 LMT F . -0.57 -22.94 22.04
C8 LMT F . -1.66 -22.04 22.51
C9 LMT F . -1.32 -20.59 22.42
C10 LMT F . -2.39 -19.82 23.14
C11 LMT F . -2.30 -18.36 22.87
C12 LMT F . -3.41 -17.60 23.51
C1B LMT G . -26.26 2.31 19.72
C2B LMT G . -25.17 3.04 18.93
C3B LMT G . -23.85 2.24 18.97
C4B LMT G . -23.48 1.89 20.43
C5B LMT G . -24.70 1.23 21.08
C6B LMT G . -24.37 0.87 22.52
O1B LMT G . -26.55 1.12 19.08
O2B LMT G . -25.61 3.16 17.64
O3B LMT G . -22.84 2.91 18.32
O4' LMT G . -22.42 1.00 20.45
O5B LMT G . -25.83 2.05 21.02
O6B LMT G . -25.52 0.92 23.28
C1' LMT G . -27.12 -2.16 18.40
C2' LMT G . -27.53 -1.06 17.41
C3' LMT G . -28.41 0.00 18.12
C4' LMT G . -27.75 0.47 19.42
C5' LMT G . -27.39 -0.81 20.22
C6' LMT G . -27.85 -0.81 21.65
O1' LMT G . -27.46 -3.39 17.91
O2' LMT G . -26.39 -0.44 16.99
O3' LMT G . -29.64 -0.50 18.37
O5' LMT G . -27.88 -1.96 19.58
O6' LMT G . -27.40 0.38 22.19
C1 LMT G . -27.32 -3.53 16.51
C2 LMT G . -26.00 -4.20 16.32
C3 LMT G . -26.03 -5.70 16.28
C4 LMT G . -24.61 -6.19 16.11
C5 LMT G . -24.60 -7.58 15.60
C6 LMT G . -23.24 -8.18 15.60
C7 LMT G . -22.81 -8.45 17.02
C8 LMT G . -21.75 -9.48 17.01
C9 LMT G . -20.80 -9.38 15.86
C10 LMT G . -19.91 -10.59 15.89
C11 LMT G . -18.96 -10.56 17.04
C12 LMT G . -17.90 -11.59 16.90
C1B LMT H . 36.56 -7.24 -0.87
C2B LMT H . 36.14 -6.45 -2.12
C3B LMT H . 37.08 -5.24 -2.31
C4B LMT H . 37.82 -4.94 -0.99
C5B LMT H . 38.66 -6.18 -0.64
C6B LMT H . 39.19 -6.06 0.78
O1B LMT H . 35.93 -8.48 -0.88
O2B LMT H . 36.23 -7.30 -3.19
O3B LMT H . 36.41 -4.15 -2.80
O4' LMT H . 38.66 -3.85 -1.13
O5B LMT H . 37.95 -7.39 -0.80
O6B LMT H . 38.18 -5.68 1.64
C1' LMT H . 33.98 -7.52 2.56
C2' LMT H . 35.22 -8.39 2.79
C3' LMT H . 36.06 -8.50 1.49
C4' LMT H . 35.19 -8.82 0.26
C5' LMT H . 33.99 -7.86 0.32
C6' LMT H . 33.08 -7.93 -0.87
O1' LMT H . 33.16 -7.54 3.66
O2' LMT H . 35.99 -7.79 3.75
O3' LMT H . 37.03 -9.45 1.62
O5' LMT H . 33.25 -8.08 1.49
O6' LMT H . 33.04 -9.25 -1.23
C1 LMT H . 32.75 -6.27 4.09
C2 LMT H . 31.53 -6.52 4.91
C3 LMT H . 31.74 -6.69 6.37
C4 LMT H . 32.08 -5.34 6.94
C5 LMT H . 30.85 -4.61 7.31
C6 LMT H . 30.19 -5.20 8.51
C7 LMT H . 29.06 -4.33 8.94
C8 LMT H . 29.59 -2.99 9.30
C9 LMT H . 29.20 -2.53 10.66
C10 LMT H . 27.73 -2.75 10.81
C11 LMT H . 27.20 -2.12 12.06
C12 LMT H . 25.78 -2.50 12.30
C1B LMT I . 26.55 20.02 14.08
C2B LMT I . 27.11 21.44 13.95
C3B LMT I . 26.56 22.34 15.07
C4B LMT I . 26.93 21.78 16.46
C5B LMT I . 26.83 20.25 16.40
C6B LMT I . 26.32 19.72 17.73
O1B LMT I . 27.58 19.11 13.85
O2B LMT I . 28.47 21.35 14.03
O3B LMT I . 25.21 22.54 14.94
O4' LMT I . 28.23 22.13 16.78
O5B LMT I . 26.00 19.81 15.35
O6B LMT I . 26.11 20.76 18.60
C1' LMT I . 29.22 15.69 12.83
C2' LMT I . 28.90 16.88 11.90
C3' LMT I . 27.46 17.43 12.15
C4' LMT I . 27.21 17.77 13.62
C5' LMT I . 28.15 16.87 14.45
C6' LMT I . 27.78 16.71 15.89
O1' LMT I . 29.14 14.52 12.13
O2' LMT I . 29.81 17.89 12.14
O3' LMT I . 26.53 16.54 11.71
O5' LMT I . 28.24 15.62 13.84
O6' LMT I . 26.51 17.23 16.02
C1 LMT I . 27.90 13.86 12.20
C2 LMT I . 28.24 12.40 12.22
C3 LMT I . 29.21 11.93 11.19
C4 LMT I . 28.70 10.62 10.66
C5 LMT I . 28.68 9.58 11.73
C6 LMT I . 28.32 8.23 11.20
C7 LMT I . 28.43 7.21 12.29
C8 LMT I . 27.73 5.96 11.86
C9 LMT I . 28.26 5.38 10.59
C10 LMT I . 27.40 4.18 10.27
C11 LMT I . 28.11 3.24 9.35
C12 LMT I . 27.30 2.01 9.08
C1B LMT J . -35.45 -19.58 -21.43
C2B LMT J . -34.95 -19.88 -22.84
C3B LMT J . -35.09 -18.63 -23.75
C4B LMT J . -34.31 -17.42 -23.17
C5B LMT J . -34.42 -17.48 -21.63
C6B LMT J . -34.46 -16.07 -21.07
O1B LMT J . -34.60 -20.16 -20.50
O2B LMT J . -33.63 -20.24 -22.73
O3B LMT J . -36.41 -18.33 -23.98
O4' LMT J . -32.98 -17.50 -23.53
O5B LMT J . -35.55 -18.20 -21.20
O6B LMT J . -33.33 -15.38 -21.45
C1' LMT J . -33.29 -21.03 -16.80
C2' LMT J . -34.68 -21.62 -17.11
C3' LMT J . -34.94 -21.57 -18.62
C4' LMT J . -34.99 -20.13 -19.15
C5' LMT J . -33.93 -19.30 -18.37
C6' LMT J . -34.50 -18.31 -17.38
O1' LMT J . -33.28 -20.37 -15.60
O2' LMT J . -34.69 -22.93 -16.71
O3' LMT J . -36.12 -22.20 -18.93
O5' LMT J . -32.89 -20.09 -17.81
O6' LMT J . -33.50 -18.03 -16.50
C1 LMT J . -32.53 -20.90 -14.52
C2 LMT J . -31.24 -20.12 -14.50
C3 LMT J . -30.26 -20.42 -15.59
C4 LMT J . -28.99 -19.65 -15.31
C5 LMT J . -28.01 -19.78 -16.44
C6 LMT J . -26.92 -18.77 -16.37
C7 LMT J . -25.93 -19.11 -15.29
C8 LMT J . -24.80 -18.14 -15.32
C9 LMT J . -23.95 -18.14 -14.09
C10 LMT J . -22.87 -17.08 -14.22
C11 LMT J . -21.49 -17.66 -14.18
C12 LMT J . -21.19 -18.44 -15.41
H1B LMT J . -36.37 -19.91 -21.37
H2B LMT J . -35.52 -20.56 -23.21
H3B LMT J . -34.70 -18.86 -24.60
H4B LMT J . -34.73 -16.61 -23.46
H5B LMT J . -33.62 -17.90 -21.29
H6'2 LMT J . -34.59 -16.13 -20.11
H6'1 LMT J . -35.28 -15.65 -21.36
H2O1 LMT J . -33.40 -20.07 -21.94
H3O1 LMT J . -36.74 -18.96 -24.43
H4O1 LMT J . -32.71 -18.27 -23.30
H6B LMT J . -32.78 -15.50 -20.82
H1' LMT J . -32.67 -21.78 -16.84
H2' LMT J . -35.34 -21.05 -16.66
H3' LMT J . -34.17 -21.97 -19.04
H4' LMT J . -35.87 -19.75 -19.00
H5' LMT J . -33.55 -18.73 -19.07
H6D LMT J . -35.27 -18.71 -16.95
H6E LMT J . -34.89 -17.56 -17.84
H2O2 LMT J . -34.32 -23.37 -17.32
H3O2 LMT J . -36.40 -21.84 -19.64
H6' LMT J . -32.79 -17.94 -16.97
H12 LMT J . -32.36 -21.85 -14.54
H11 LMT J . -33.01 -20.80 -13.68
H22 LMT J . -31.46 -19.18 -14.53
H21 LMT J . -30.81 -20.26 -13.65
H32 LMT J . -30.61 -20.18 -16.46
H31 LMT J . -30.06 -21.37 -15.65
H42 LMT J . -28.61 -19.95 -14.47
H41 LMT J . -29.21 -18.72 -15.16
H52 LMT J . -28.47 -19.70 -17.29
H51 LMT J . -27.64 -20.68 -16.43
H62 LMT J . -27.28 -17.89 -16.23
H61 LMT J . -26.46 -18.71 -17.22
H72 LMT J . -26.37 -19.10 -14.41
H71 LMT J . -25.61 -20.03 -15.38
H82 LMT J . -25.16 -17.25 -15.46
H81 LMT J . -24.24 -18.32 -16.09
H92 LMT J . -23.56 -19.02 -13.94
H91 LMT J . -24.49 -17.99 -13.30
H102 LMT J . -22.98 -16.43 -13.51
H101 LMT J . -22.99 -16.57 -15.03
H112 LMT J . -21.40 -18.22 -13.40
H111 LMT J . -20.85 -16.94 -14.08
H123 LMT J . -21.40 -17.93 -16.22
H122 LMT J . -21.68 -19.27 -15.46
H121 LMT J . -20.24 -18.65 -15.46
N1 KZ0 K . 23.94 27.43 -6.45
C1 KZ0 K . 21.34 27.57 -6.86
C2 KZ0 K . 23.18 26.36 -6.28
C5 KZ0 K . 23.82 25.04 -5.85
C4 KZ0 K . 24.26 29.80 -7.02
C3 KZ0 K . 23.40 28.56 -6.83
N KZ0 K . 21.89 26.43 -6.48
N2 KZ0 K . 22.09 28.64 -7.03
C KZ0 K . 19.83 27.65 -7.11
#